data_5IYQ
#
_entry.id   5IYQ
#
_cell.length_a   89.810
_cell.length_b   105.930
_cell.length_c   135.480
_cell.angle_alpha   90.000
_cell.angle_beta   90.000
_cell.angle_gamma   90.000
#
_symmetry.space_group_name_H-M   'I 2 2 2'
#
loop_
_entity.id
_entity.type
_entity.pdbx_description
1 polymer 'Protruding domain of GII.4 norovirus CHDC2094 capsid'
2 branched alpha-L-fucopyranose-(1-2)-[alpha-D-galactopyranose-(1-3)]alpha-D-galactopyranose
3 non-polymer 1,2-ETHANEDIOL
4 non-polymer 'CITRATE ANION'
5 water water
#
_entity_poly.entity_id   1
_entity_poly.type   'polypeptide(L)'
_entity_poly.pdbx_seq_one_letter_code
;KPFTVPILTVEEMSNSRFPIPLEKLYTGPSSAFVVQPQNGRCTTDGVLLGTTQLSAVNICNFRGDVTRVGISHDYTMNLV
SQNWNNYDPTEEIPAPLGTPDFVGKIQGLLTQTTRADGSTRAHKATVSTGSVHFTPKLGSVQFTTDTNNDFQTGQNTKFT
PVGVIQDGDHHQNEPQQWVLPNYSGTSGHNVHLAPAVAPTFPGEQLLFFRSTMPGCSGYPNMNLDCLLPQEWVSHFYQEA
APAQSDVALLRFVNPDTGRVLFECKLHKSGYITVAHTGPYDLVIPPNGYFRFDSWVNQFYTLAPM
;
_entity_poly.pdbx_strand_id   A,B
#
loop_
_chem_comp.id
_chem_comp.type
_chem_comp.name
_chem_comp.formula
EDO non-polymer 1,2-ETHANEDIOL 'C2 H6 O2'
FLC non-polymer 'CITRATE ANION' 'C6 H5 O7 -3'
FUC L-saccharide, alpha linking alpha-L-fucopyranose 'C6 H12 O5'
GLA D-saccharide, alpha linking alpha-D-galactopyranose 'C6 H12 O6'
#
# COMPACT_ATOMS: atom_id res chain seq x y z
N LYS A 1 6.19 -17.22 23.18
CA LYS A 1 6.84 -16.21 22.35
C LYS A 1 6.56 -14.81 22.89
N PRO A 2 7.61 -14.00 23.12
CA PRO A 2 7.38 -12.64 23.63
C PRO A 2 6.62 -11.77 22.64
N PHE A 3 5.62 -11.07 23.16
CA PHE A 3 4.84 -10.14 22.35
C PHE A 3 5.65 -8.88 22.05
N THR A 4 5.50 -8.36 20.85
CA THR A 4 6.13 -7.11 20.44
C THR A 4 5.21 -6.34 19.50
N VAL A 5 5.46 -5.04 19.36
CA VAL A 5 4.84 -4.25 18.30
C VAL A 5 5.97 -3.73 17.40
N PRO A 6 5.64 -3.41 16.16
CA PRO A 6 6.67 -2.90 15.24
C PRO A 6 7.35 -1.63 15.73
N ILE A 7 8.58 -1.42 15.30
CA ILE A 7 9.34 -0.23 15.72
C ILE A 7 9.23 0.90 14.69
N LEU A 8 8.39 0.72 13.68
CA LEU A 8 8.20 1.74 12.67
C LEU A 8 7.58 2.98 13.29
N THR A 9 7.99 4.14 12.78
CA THR A 9 7.39 5.40 13.19
C THR A 9 6.01 5.54 12.51
N VAL A 10 5.20 6.47 12.98
CA VAL A 10 3.87 6.65 12.44
C VAL A 10 3.93 6.92 10.95
N GLU A 11 4.79 7.82 10.51
CA GLU A 11 4.83 8.20 9.10
C GLU A 11 5.49 7.16 8.20
N GLU A 12 6.08 6.12 8.79
CA GLU A 12 6.59 4.96 8.03
C GLU A 12 5.52 3.90 7.81
N MET A 13 4.32 4.12 8.34
CA MET A 13 3.27 3.12 8.30
C MET A 13 2.08 3.54 7.45
N SER A 14 1.14 2.61 7.28
CA SER A 14 0.02 2.75 6.37
C SER A 14 -1.31 2.65 7.08
N ASN A 15 -2.27 3.46 6.64
CA ASN A 15 -3.63 3.35 7.15
C ASN A 15 -4.17 1.97 6.78
N SER A 16 -4.87 1.35 7.71
CA SER A 16 -5.46 0.04 7.47
C SER A 16 -6.89 0.11 6.94
N ARG A 17 -7.38 1.32 6.63
CA ARG A 17 -8.75 1.49 6.10
C ARG A 17 -8.78 2.12 4.71
N PHE A 18 -7.62 2.49 4.17
CA PHE A 18 -7.55 3.08 2.82
C PHE A 18 -6.06 3.07 2.47
N PRO A 19 -5.71 2.94 1.18
CA PRO A 19 -4.29 2.74 0.82
C PRO A 19 -3.46 4.05 0.76
N ILE A 20 -3.29 4.65 1.93
CA ILE A 20 -2.59 5.92 2.09
C ILE A 20 -1.74 5.85 3.36
N PRO A 21 -0.67 6.67 3.42
CA PRO A 21 0.18 6.62 4.61
C PRO A 21 -0.49 7.19 5.83
N LEU A 22 -0.06 6.76 7.01
CA LEU A 22 -0.44 7.44 8.23
C LEU A 22 0.23 8.80 8.28
N GLU A 23 -0.43 9.74 8.94
CA GLU A 23 0.06 11.12 9.08
C GLU A 23 0.32 11.54 10.51
N LYS A 24 -0.54 11.13 11.43
CA LYS A 24 -0.55 11.69 12.77
C LYS A 24 -1.39 10.84 13.71
N LEU A 25 -1.33 11.16 15.00
CA LEU A 25 -2.12 10.51 16.03
C LEU A 25 -3.14 11.47 16.62
N TYR A 26 -4.34 10.98 16.85
CA TYR A 26 -5.43 11.81 17.37
C TYR A 26 -6.16 11.02 18.45
N THR A 27 -6.54 11.70 19.52
CA THR A 27 -7.49 11.12 20.48
C THR A 27 -8.67 12.05 20.64
N GLY A 28 -9.84 11.49 20.90
CA GLY A 28 -11.02 12.31 21.12
C GLY A 28 -12.12 11.46 21.71
N PRO A 29 -13.18 12.12 22.20
CA PRO A 29 -14.33 11.36 22.68
C PRO A 29 -15.03 10.64 21.56
N SER A 30 -15.60 9.49 21.89
CA SER A 30 -16.36 8.74 20.92
C SER A 30 -17.54 8.05 21.58
N SER A 31 -18.03 8.61 22.68
CA SER A 31 -19.14 8.01 23.39
C SER A 31 -20.44 8.20 22.63
N ALA A 32 -20.50 9.24 21.80
CA ALA A 32 -21.76 9.65 21.19
C ALA A 32 -22.05 8.91 19.90
N PHE A 33 -21.10 8.07 19.45
CA PHE A 33 -21.30 7.34 18.21
C PHE A 33 -20.60 5.99 18.25
N VAL A 34 -20.94 5.13 17.30
CA VAL A 34 -20.40 3.78 17.21
C VAL A 34 -19.08 3.76 16.44
N VAL A 35 -18.08 3.17 17.06
CA VAL A 35 -16.78 2.97 16.43
C VAL A 35 -16.66 1.49 16.12
N GLN A 36 -16.88 1.12 14.86
CA GLN A 36 -16.93 -0.27 14.48
C GLN A 36 -16.32 -0.47 13.08
N PRO A 37 -15.10 0.05 12.86
CA PRO A 37 -14.49 -0.20 11.56
C PRO A 37 -14.24 -1.70 11.36
N GLN A 38 -14.22 -2.12 10.11
CA GLN A 38 -14.08 -3.53 9.76
C GLN A 38 -12.73 -3.87 9.14
N ASN A 39 -12.07 -2.86 8.60
CA ASN A 39 -10.67 -2.97 8.16
C ASN A 39 -9.75 -2.48 9.27
N GLY A 40 -8.55 -3.03 9.33
CA GLY A 40 -7.63 -2.73 10.41
C GLY A 40 -8.03 -3.32 11.74
N ARG A 41 -8.58 -4.53 11.71
CA ARG A 41 -9.05 -5.22 12.90
C ARG A 41 -8.34 -6.56 13.03
N CYS A 42 -7.62 -6.71 14.13
CA CYS A 42 -6.80 -7.89 14.39
C CYS A 42 -6.52 -7.94 15.88
N THR A 43 -6.57 -9.12 16.46
CA THR A 43 -6.20 -9.29 17.85
C THR A 43 -4.69 -9.28 18.01
N THR A 44 -4.20 -9.03 19.22
CA THR A 44 -2.75 -8.96 19.41
C THR A 44 -2.08 -10.31 19.17
N ASP A 45 -2.84 -11.40 19.30
CA ASP A 45 -2.30 -12.73 19.00
C ASP A 45 -2.60 -13.19 17.57
N GLY A 46 -3.01 -12.27 16.72
CA GLY A 46 -2.94 -12.49 15.29
C GLY A 46 -4.18 -13.01 14.61
N VAL A 47 -5.35 -12.86 15.23
CA VAL A 47 -6.61 -13.28 14.60
C VAL A 47 -7.21 -12.10 13.86
N LEU A 48 -7.31 -12.21 12.54
CA LEU A 48 -7.93 -11.17 11.72
C LEU A 48 -9.43 -11.15 11.97
N LEU A 49 -10.01 -9.95 11.98
CA LEU A 49 -11.43 -9.74 12.25
C LEU A 49 -12.08 -8.92 11.15
N GLY A 50 -13.40 -8.92 11.12
CA GLY A 50 -14.14 -8.11 10.16
C GLY A 50 -13.78 -8.45 8.73
N THR A 51 -13.41 -7.43 7.95
CA THR A 51 -13.04 -7.61 6.56
C THR A 51 -11.53 -7.42 6.38
N THR A 52 -10.77 -7.60 7.46
CA THR A 52 -9.34 -7.29 7.42
C THR A 52 -8.50 -8.33 6.69
N GLN A 53 -7.70 -7.85 5.76
CA GLN A 53 -6.67 -8.66 5.09
C GLN A 53 -5.29 -8.01 5.27
N LEU A 54 -4.28 -8.53 4.60
CA LEU A 54 -2.91 -8.30 5.04
C LEU A 54 -2.13 -7.16 4.37
N SER A 55 -2.58 -6.66 3.23
CA SER A 55 -1.83 -5.56 2.63
C SER A 55 -2.67 -4.32 2.38
N ALA A 56 -2.06 -3.15 2.58
CA ALA A 56 -2.78 -1.91 2.40
C ALA A 56 -3.13 -1.67 0.94
N VAL A 57 -2.36 -2.24 0.02
CA VAL A 57 -2.62 -1.93 -1.38
C VAL A 57 -3.88 -2.61 -1.93
N ASN A 58 -4.51 -3.45 -1.13
CA ASN A 58 -5.74 -4.13 -1.56
C ASN A 58 -7.01 -3.50 -0.99
N ILE A 59 -6.85 -2.51 -0.13
CA ILE A 59 -7.99 -1.96 0.59
C ILE A 59 -8.80 -1.04 -0.32
N CYS A 60 -10.12 -1.25 -0.35
CA CYS A 60 -11.02 -0.49 -1.21
C CYS A 60 -10.74 -0.67 -2.69
N ASN A 61 -10.01 -1.73 -3.04
CA ASN A 61 -9.89 -2.16 -4.43
C ASN A 61 -11.04 -3.09 -4.77
N PHE A 62 -11.42 -3.14 -6.04
CA PHE A 62 -12.43 -4.12 -6.51
C PHE A 62 -11.98 -4.72 -7.83
N ARG A 63 -12.28 -6.01 -8.02
CA ARG A 63 -12.00 -6.70 -9.27
C ARG A 63 -13.18 -7.52 -9.73
N GLY A 64 -13.32 -7.65 -11.04
CA GLY A 64 -14.33 -8.52 -11.61
C GLY A 64 -14.58 -8.19 -13.07
N ASP A 65 -15.67 -8.73 -13.60
CA ASP A 65 -16.15 -8.34 -14.93
C ASP A 65 -17.22 -7.28 -14.74
N VAL A 66 -17.45 -6.48 -15.77
CA VAL A 66 -18.44 -5.40 -15.70
C VAL A 66 -19.46 -5.48 -16.80
N THR A 67 -20.67 -5.01 -16.49
CA THR A 67 -21.74 -4.89 -17.46
C THR A 67 -22.38 -3.52 -17.30
N ARG A 68 -22.69 -2.88 -18.41
CA ARG A 68 -23.27 -1.55 -18.37
C ARG A 68 -24.69 -1.63 -17.84
N VAL A 69 -25.08 -0.64 -17.04
CA VAL A 69 -26.45 -0.53 -16.57
C VAL A 69 -27.24 0.20 -17.66
N GLY A 70 -28.11 -0.51 -18.35
CA GLY A 70 -28.84 0.10 -19.46
C GLY A 70 -27.85 0.58 -20.50
N ILE A 71 -28.05 1.81 -20.99
CA ILE A 71 -27.06 2.46 -21.84
C ILE A 71 -26.45 3.68 -21.13
N SER A 72 -26.48 3.65 -19.81
CA SER A 72 -25.97 4.73 -18.96
C SER A 72 -24.45 4.70 -18.83
N HIS A 73 -23.93 5.60 -18.00
CA HIS A 73 -22.51 5.64 -17.65
C HIS A 73 -22.18 4.79 -16.43
N ASP A 74 -23.18 4.08 -15.89
CA ASP A 74 -22.97 3.21 -14.74
C ASP A 74 -22.67 1.78 -15.19
N TYR A 75 -21.83 1.10 -14.41
CA TYR A 75 -21.46 -0.30 -14.65
C TYR A 75 -21.56 -1.10 -13.36
N THR A 76 -22.11 -2.30 -13.50
CA THR A 76 -22.13 -3.28 -12.42
C THR A 76 -20.88 -4.14 -12.51
N MET A 77 -20.20 -4.32 -11.38
CA MET A 77 -19.08 -5.23 -11.31
C MET A 77 -19.46 -6.47 -10.52
N ASN A 78 -19.32 -7.63 -11.16
CA ASN A 78 -19.47 -8.92 -10.49
C ASN A 78 -18.14 -9.31 -9.87
N LEU A 79 -18.08 -9.21 -8.55
CA LEU A 79 -16.82 -9.29 -7.82
C LEU A 79 -16.18 -10.66 -7.82
N VAL A 80 -14.86 -10.64 -7.94
CA VAL A 80 -14.00 -11.79 -7.74
C VAL A 80 -12.96 -11.43 -6.70
N SER A 81 -12.10 -12.37 -6.36
CA SER A 81 -11.11 -12.13 -5.34
C SER A 81 -9.91 -11.39 -5.88
N GLN A 82 -8.99 -11.07 -4.97
CA GLN A 82 -7.77 -10.37 -5.31
C GLN A 82 -7.00 -10.98 -6.47
N ASN A 83 -7.05 -12.31 -6.59
CA ASN A 83 -6.34 -13.02 -7.65
C ASN A 83 -7.27 -13.58 -8.72
N TRP A 84 -8.46 -13.00 -8.82
CA TRP A 84 -9.43 -13.25 -9.89
C TRP A 84 -10.22 -14.53 -9.74
N ASN A 85 -10.10 -15.15 -8.57
CA ASN A 85 -10.86 -16.36 -8.26
C ASN A 85 -12.17 -16.07 -7.54
N ASN A 86 -12.89 -17.11 -7.15
CA ASN A 86 -14.24 -16.94 -6.63
C ASN A 86 -14.29 -16.19 -5.30
N TYR A 87 -15.26 -15.30 -5.17
CA TYR A 87 -15.71 -14.80 -3.88
C TYR A 87 -16.93 -15.63 -3.45
N ASP A 88 -16.87 -16.17 -2.25
CA ASP A 88 -17.93 -17.02 -1.70
C ASP A 88 -18.75 -16.21 -0.70
N PRO A 89 -19.97 -15.79 -1.10
CA PRO A 89 -20.82 -15.03 -0.17
C PRO A 89 -21.21 -15.79 1.09
N THR A 90 -21.05 -17.11 1.13
CA THR A 90 -21.38 -17.85 2.34
C THR A 90 -20.27 -17.88 3.39
N GLU A 91 -19.08 -17.45 3.03
CA GLU A 91 -18.03 -17.31 4.04
C GLU A 91 -18.52 -16.32 5.10
N GLU A 92 -18.28 -16.63 6.37
CA GLU A 92 -18.79 -15.82 7.46
C GLU A 92 -17.92 -14.60 7.75
N ILE A 93 -17.85 -13.74 6.75
CA ILE A 93 -17.27 -12.41 6.86
C ILE A 93 -18.34 -11.41 6.39
N PRO A 94 -18.20 -10.13 6.75
CA PRO A 94 -19.27 -9.19 6.43
C PRO A 94 -19.43 -8.92 4.94
N ALA A 95 -18.36 -9.15 4.19
CA ALA A 95 -18.22 -8.73 2.79
C ALA A 95 -16.82 -9.19 2.43
N PRO A 96 -16.45 -9.12 1.14
CA PRO A 96 -15.08 -9.49 0.78
C PRO A 96 -14.04 -8.74 1.61
N LEU A 97 -12.93 -9.41 1.90
CA LEU A 97 -11.85 -8.75 2.61
C LEU A 97 -11.38 -7.51 1.84
N GLY A 98 -11.24 -6.41 2.55
CA GLY A 98 -10.82 -5.15 1.95
C GLY A 98 -11.94 -4.23 1.51
N THR A 99 -13.19 -4.69 1.58
CA THR A 99 -14.34 -3.86 1.23
C THR A 99 -14.34 -2.57 2.04
N PRO A 100 -14.72 -1.43 1.43
CA PRO A 100 -14.84 -0.20 2.22
C PRO A 100 -15.73 -0.39 3.45
N ASP A 101 -15.33 0.21 4.56
CA ASP A 101 -16.07 0.13 5.83
C ASP A 101 -16.58 1.48 6.28
N PHE A 102 -16.92 2.34 5.31
CA PHE A 102 -17.57 3.61 5.63
C PHE A 102 -18.53 3.97 4.51
N VAL A 103 -19.52 4.80 4.83
CA VAL A 103 -20.46 5.33 3.86
C VAL A 103 -19.84 6.55 3.22
N GLY A 104 -19.61 6.47 1.92
CA GLY A 104 -19.01 7.57 1.20
C GLY A 104 -18.88 7.24 -0.27
N LYS A 105 -18.54 8.25 -1.04
CA LYS A 105 -18.37 8.14 -2.46
C LYS A 105 -16.87 8.15 -2.74
N ILE A 106 -16.37 6.98 -3.12
CA ILE A 106 -14.95 6.77 -3.36
C ILE A 106 -14.68 6.88 -4.85
N GLN A 107 -13.77 7.78 -5.22
CA GLN A 107 -13.40 7.97 -6.61
C GLN A 107 -12.02 7.40 -6.90
N GLY A 108 -11.85 6.88 -8.11
CA GLY A 108 -10.59 6.34 -8.56
C GLY A 108 -10.64 6.10 -10.03
N LEU A 109 -9.85 5.14 -10.50
CA LEU A 109 -9.89 4.75 -11.91
C LEU A 109 -10.34 3.31 -12.00
N LEU A 110 -11.25 3.06 -12.93
CA LEU A 110 -11.66 1.74 -13.34
C LEU A 110 -10.86 1.40 -14.59
N THR A 111 -10.06 0.35 -14.51
CA THR A 111 -9.19 -0.05 -15.60
C THR A 111 -9.57 -1.43 -16.11
N GLN A 112 -9.20 -1.72 -17.36
CA GLN A 112 -9.57 -2.98 -17.99
C GLN A 112 -8.54 -3.38 -19.04
N THR A 113 -8.31 -4.69 -19.13
CA THR A 113 -7.53 -5.28 -20.21
C THR A 113 -8.38 -6.24 -21.00
N THR A 114 -8.28 -6.16 -22.32
CA THR A 114 -8.88 -7.14 -23.22
C THR A 114 -7.86 -8.26 -23.40
N ARG A 115 -8.23 -9.44 -22.92
CA ARG A 115 -7.36 -10.62 -22.87
C ARG A 115 -6.76 -10.95 -24.24
N ALA A 116 -7.58 -10.88 -25.29
CA ALA A 116 -7.20 -11.36 -26.60
C ALA A 116 -6.09 -10.58 -27.28
N ASP A 117 -6.02 -9.27 -27.04
CA ASP A 117 -5.06 -8.43 -27.75
C ASP A 117 -4.24 -7.51 -26.87
N GLY A 118 -4.46 -7.56 -25.57
CA GLY A 118 -3.68 -6.73 -24.66
C GLY A 118 -4.00 -5.25 -24.69
N SER A 119 -5.12 -4.89 -25.31
CA SER A 119 -5.56 -3.49 -25.30
C SER A 119 -6.07 -3.16 -23.91
N THR A 120 -5.90 -1.90 -23.52
CA THR A 120 -6.21 -1.47 -22.17
C THR A 120 -6.91 -0.12 -22.17
N ARG A 121 -7.54 0.20 -21.04
CA ARG A 121 -8.37 1.40 -20.93
C ARG A 121 -8.56 1.76 -19.45
N ALA A 122 -8.86 3.03 -19.22
CA ALA A 122 -9.08 3.56 -17.89
C ALA A 122 -10.05 4.73 -17.92
N HIS A 123 -10.95 4.74 -16.94
CA HIS A 123 -11.96 5.78 -16.81
C HIS A 123 -12.14 6.21 -15.37
N LYS A 124 -12.32 7.50 -15.15
CA LYS A 124 -12.65 7.99 -13.82
C LYS A 124 -13.98 7.37 -13.41
N ALA A 125 -14.04 6.95 -12.15
CA ALA A 125 -15.18 6.18 -11.64
C ALA A 125 -15.36 6.40 -10.16
N THR A 126 -16.61 6.33 -9.73
CA THR A 126 -16.98 6.52 -8.32
C THR A 126 -17.87 5.36 -7.89
N VAL A 127 -17.60 4.85 -6.70
CA VAL A 127 -18.48 3.90 -6.05
C VAL A 127 -19.08 4.56 -4.82
N SER A 128 -20.41 4.65 -4.80
CA SER A 128 -21.12 5.21 -3.67
C SER A 128 -21.50 4.08 -2.74
N THR A 129 -20.84 4.00 -1.59
CA THR A 129 -21.07 2.86 -0.73
C THR A 129 -22.38 2.96 0.06
N GLY A 130 -23.02 4.12 0.03
CA GLY A 130 -24.35 4.30 0.59
C GLY A 130 -25.48 3.95 -0.36
N SER A 131 -25.13 3.67 -1.61
CA SER A 131 -26.11 3.35 -2.66
C SER A 131 -26.80 2.01 -2.41
N VAL A 132 -28.06 1.90 -2.80
CA VAL A 132 -28.74 0.60 -2.73
C VAL A 132 -28.05 -0.45 -3.60
N HIS A 133 -27.23 -0.02 -4.56
CA HIS A 133 -26.53 -0.96 -5.43
C HIS A 133 -25.15 -1.34 -4.91
N PHE A 134 -24.77 -0.82 -3.75
CA PHE A 134 -23.56 -1.26 -3.08
C PHE A 134 -23.88 -2.53 -2.29
N THR A 135 -23.65 -3.68 -2.93
CA THR A 135 -24.03 -4.96 -2.34
C THR A 135 -22.88 -5.95 -2.42
N PRO A 136 -21.72 -5.59 -1.87
CA PRO A 136 -20.55 -6.47 -2.03
C PRO A 136 -20.74 -7.86 -1.39
N LYS A 137 -21.51 -7.95 -0.31
CA LYS A 137 -21.82 -9.24 0.30
C LYS A 137 -22.69 -10.11 -0.59
N LEU A 138 -23.39 -9.52 -1.55
CA LEU A 138 -24.13 -10.28 -2.56
C LEU A 138 -23.26 -10.57 -3.75
N GLY A 139 -22.07 -9.97 -3.81
CA GLY A 139 -21.16 -10.20 -4.91
C GLY A 139 -21.11 -9.14 -6.00
N SER A 140 -21.70 -7.96 -5.77
CA SER A 140 -21.68 -6.91 -6.79
C SER A 140 -21.67 -5.51 -6.21
N VAL A 141 -21.05 -4.60 -6.93
CA VAL A 141 -21.18 -3.16 -6.66
C VAL A 141 -21.38 -2.45 -7.98
N GLN A 142 -21.84 -1.20 -7.89
CA GLN A 142 -22.09 -0.37 -9.07
C GLN A 142 -21.21 0.87 -9.06
N PHE A 143 -20.61 1.18 -10.21
CA PHE A 143 -19.78 2.35 -10.41
C PHE A 143 -20.46 3.34 -11.34
N THR A 144 -20.31 4.64 -11.07
CA THR A 144 -20.62 5.66 -12.07
C THR A 144 -19.29 6.02 -12.72
N THR A 145 -19.24 6.03 -14.05
CA THR A 145 -17.99 6.27 -14.77
C THR A 145 -18.13 7.41 -15.74
N ASP A 146 -17.01 7.81 -16.35
CA ASP A 146 -17.00 8.85 -17.37
C ASP A 146 -17.20 8.31 -18.80
N THR A 147 -17.60 7.06 -18.93
CA THR A 147 -17.92 6.49 -20.23
C THR A 147 -19.26 5.77 -20.22
N ASN A 148 -19.91 5.73 -21.38
CA ASN A 148 -21.09 4.91 -21.54
C ASN A 148 -20.91 3.85 -22.62
N ASN A 149 -19.66 3.54 -23.00
CA ASN A 149 -19.44 2.58 -24.08
CA ASN A 149 -19.45 2.56 -24.07
C ASN A 149 -18.06 1.91 -24.14
N ASP A 150 -17.08 2.41 -23.40
CA ASP A 150 -15.71 1.92 -23.63
C ASP A 150 -15.39 0.59 -22.94
N PHE A 151 -16.09 0.24 -21.87
CA PHE A 151 -15.80 -1.01 -21.17
C PHE A 151 -16.45 -2.21 -21.86
N GLN A 152 -15.69 -3.28 -21.99
CA GLN A 152 -16.14 -4.51 -22.61
C GLN A 152 -16.61 -5.53 -21.56
N THR A 153 -17.52 -6.43 -21.96
CA THR A 153 -17.97 -7.50 -21.09
C THR A 153 -16.97 -8.66 -21.09
N GLY A 154 -16.94 -9.41 -19.99
CA GLY A 154 -16.14 -10.62 -19.93
C GLY A 154 -14.64 -10.38 -19.88
N GLN A 155 -14.24 -9.18 -19.48
CA GLN A 155 -12.82 -8.81 -19.40
C GLN A 155 -12.46 -8.37 -17.97
N ASN A 156 -11.27 -8.74 -17.53
CA ASN A 156 -10.78 -8.36 -16.21
C ASN A 156 -10.77 -6.86 -16.02
N THR A 157 -11.39 -6.40 -14.93
CA THR A 157 -11.57 -4.98 -14.66
C THR A 157 -11.22 -4.76 -13.20
N LYS A 158 -10.51 -3.67 -12.93
CA LYS A 158 -10.07 -3.34 -11.57
C LYS A 158 -10.41 -1.89 -11.25
N PHE A 159 -10.92 -1.66 -10.03
CA PHE A 159 -11.04 -0.30 -9.49
C PHE A 159 -9.90 -0.06 -8.53
N THR A 160 -9.12 0.98 -8.82
CA THR A 160 -8.11 1.47 -7.90
C THR A 160 -8.61 2.76 -7.24
N PRO A 161 -8.78 2.75 -5.91
CA PRO A 161 -9.29 3.92 -5.22
C PRO A 161 -8.24 5.01 -5.13
N VAL A 162 -8.71 6.25 -5.13
CA VAL A 162 -7.81 7.39 -4.95
C VAL A 162 -8.24 8.27 -3.79
N GLY A 163 -9.52 8.60 -3.72
CA GLY A 163 -9.99 9.51 -2.70
C GLY A 163 -11.50 9.53 -2.64
N VAL A 164 -12.06 10.61 -2.09
CA VAL A 164 -13.48 10.72 -1.84
C VAL A 164 -14.07 12.01 -2.37
N ILE A 165 -15.38 12.00 -2.63
CA ILE A 165 -16.07 13.18 -3.12
C ILE A 165 -17.24 13.51 -2.22
N GLN A 166 -17.78 14.71 -2.40
CA GLN A 166 -18.96 15.16 -1.68
C GLN A 166 -19.84 15.96 -2.59
N ASP A 167 -21.13 15.96 -2.24
CA ASP A 167 -22.21 16.73 -2.89
C ASP A 167 -23.08 17.35 -1.78
N GLY A 168 -23.49 18.61 -1.96
CA GLY A 168 -24.42 19.26 -1.05
C GLY A 168 -23.94 20.58 -0.48
N HIS A 171 -21.35 21.22 3.95
CA HIS A 171 -19.99 20.85 3.58
C HIS A 171 -19.44 19.88 4.61
N GLN A 172 -18.57 18.99 4.15
CA GLN A 172 -18.03 17.92 5.00
C GLN A 172 -19.09 17.00 5.64
N ASN A 173 -20.25 16.86 4.99
CA ASN A 173 -21.31 15.96 5.48
C ASN A 173 -21.09 14.49 5.13
N GLU A 174 -20.25 14.25 4.14
CA GLU A 174 -19.85 12.91 3.73
C GLU A 174 -18.39 12.99 3.30
N PRO A 175 -17.68 11.86 3.34
CA PRO A 175 -18.04 10.56 3.91
C PRO A 175 -18.34 10.61 5.39
N GLN A 176 -18.97 9.54 5.87
CA GLN A 176 -19.20 9.33 7.30
CA GLN A 176 -19.19 9.34 7.30
C GLN A 176 -18.35 8.14 7.71
N GLN A 177 -17.17 8.40 8.26
CA GLN A 177 -16.20 7.35 8.45
C GLN A 177 -16.59 6.31 9.49
N TRP A 178 -17.53 6.64 10.36
CA TRP A 178 -17.94 5.70 11.40
C TRP A 178 -19.31 5.06 11.15
N VAL A 179 -19.88 5.31 9.98
CA VAL A 179 -21.13 4.65 9.61
C VAL A 179 -20.81 3.54 8.59
N LEU A 180 -21.04 2.29 8.97
CA LEU A 180 -20.78 1.20 8.06
C LEU A 180 -21.81 1.22 6.96
N PRO A 181 -21.38 0.88 5.74
CA PRO A 181 -22.36 0.66 4.70
C PRO A 181 -23.17 -0.60 5.00
N ASN A 182 -24.29 -0.73 4.32
CA ASN A 182 -25.04 -1.98 4.33
C ASN A 182 -24.49 -2.86 3.25
N TYR A 183 -23.71 -3.85 3.66
CA TYR A 183 -22.98 -4.69 2.72
C TYR A 183 -23.90 -5.50 1.81
N SER A 184 -25.15 -5.69 2.22
CA SER A 184 -26.13 -6.40 1.41
C SER A 184 -27.25 -5.48 0.92
N GLY A 185 -27.02 -4.17 0.99
CA GLY A 185 -28.04 -3.22 0.57
C GLY A 185 -29.28 -3.34 1.43
N THR A 186 -30.44 -3.17 0.81
CA THR A 186 -31.71 -3.27 1.50
C THR A 186 -32.14 -4.72 1.73
N SER A 187 -31.39 -5.67 1.20
CA SER A 187 -31.82 -7.07 1.24
C SER A 187 -31.48 -7.80 2.51
N GLY A 188 -30.62 -7.22 3.33
CA GLY A 188 -30.26 -7.86 4.57
C GLY A 188 -29.41 -6.98 5.43
N HIS A 189 -29.30 -7.36 6.69
CA HIS A 189 -28.49 -6.63 7.66
C HIS A 189 -27.06 -7.13 7.69
N ASN A 190 -26.18 -6.27 8.15
CA ASN A 190 -24.77 -6.62 8.30
C ASN A 190 -24.56 -7.76 9.28
N VAL A 191 -23.66 -8.66 8.93
CA VAL A 191 -23.37 -9.85 9.75
C VAL A 191 -21.86 -10.05 9.89
N HIS A 192 -21.47 -10.72 10.98
CA HIS A 192 -20.10 -11.16 11.22
C HIS A 192 -19.14 -10.01 11.43
N LEU A 193 -19.61 -8.94 12.06
CA LEU A 193 -18.79 -7.76 12.21
C LEU A 193 -17.79 -7.86 13.35
N ALA A 194 -16.61 -7.29 13.15
CA ALA A 194 -15.71 -7.04 14.24
C ALA A 194 -16.46 -6.14 15.24
N PRO A 195 -16.24 -6.35 16.54
CA PRO A 195 -17.06 -5.64 17.51
C PRO A 195 -16.84 -4.14 17.57
N ALA A 196 -17.85 -3.42 18.05
CA ALA A 196 -17.70 -2.01 18.32
C ALA A 196 -16.73 -1.85 19.47
N VAL A 197 -16.03 -0.73 19.48
CA VAL A 197 -15.02 -0.54 20.52
CA VAL A 197 -14.98 -0.51 20.47
C VAL A 197 -15.27 0.75 21.30
N ALA A 198 -14.91 0.71 22.58
CA ALA A 198 -15.05 1.85 23.47
C ALA A 198 -14.12 1.69 24.65
N PRO A 199 -13.63 2.80 25.18
CA PRO A 199 -12.92 2.68 26.45
C PRO A 199 -13.86 2.22 27.57
N THR A 200 -13.36 1.43 28.51
CA THR A 200 -14.18 0.98 29.63
C THR A 200 -13.70 1.56 30.95
N PHE A 201 -12.52 2.15 30.97
CA PHE A 201 -11.91 2.62 32.20
C PHE A 201 -12.11 4.13 32.25
N PRO A 202 -12.56 4.67 33.40
CA PRO A 202 -12.78 6.11 33.44
C PRO A 202 -11.54 6.92 33.11
N GLY A 203 -11.74 8.01 32.39
CA GLY A 203 -10.65 8.90 32.02
C GLY A 203 -9.92 8.52 30.74
N GLU A 204 -10.33 7.44 30.09
CA GLU A 204 -9.67 7.00 28.86
C GLU A 204 -10.48 7.31 27.61
N GLN A 205 -9.74 7.48 26.52
CA GLN A 205 -10.28 7.64 25.17
C GLN A 205 -9.52 6.72 24.23
N LEU A 206 -10.13 6.39 23.11
CA LEU A 206 -9.42 5.71 22.03
C LEU A 206 -8.31 6.59 21.48
N LEU A 207 -7.24 5.93 21.02
CA LEU A 207 -6.18 6.57 20.26
C LEU A 207 -6.33 6.12 18.81
N PHE A 208 -6.35 7.08 17.91
CA PHE A 208 -6.56 6.84 16.50
C PHE A 208 -5.31 7.14 15.68
N PHE A 209 -5.05 6.29 14.70
CA PHE A 209 -4.01 6.50 13.71
C PHE A 209 -4.66 7.17 12.50
N ARG A 210 -4.28 8.41 12.23
CA ARG A 210 -5.04 9.28 11.34
C ARG A 210 -4.34 9.56 10.02
N SER A 211 -5.11 9.53 8.95
CA SER A 211 -4.70 10.00 7.62
C SER A 211 -5.74 10.97 7.07
N THR A 212 -5.39 11.62 5.98
CA THR A 212 -6.29 12.50 5.25
C THR A 212 -6.50 11.88 3.87
N MET A 213 -7.71 11.43 3.59
CA MET A 213 -8.01 10.91 2.26
C MET A 213 -7.97 12.04 1.26
N PRO A 214 -7.37 11.82 0.09
CA PRO A 214 -7.49 12.82 -0.96
C PRO A 214 -8.95 13.12 -1.28
N GLY A 215 -9.22 14.39 -1.51
CA GLY A 215 -10.52 14.83 -1.96
C GLY A 215 -10.51 14.98 -3.47
N CYS A 216 -11.59 14.53 -4.11
CA CYS A 216 -11.64 14.49 -5.57
C CYS A 216 -12.73 15.36 -6.20
N SER A 217 -13.66 15.88 -5.38
CA SER A 217 -14.71 16.79 -5.85
C SER A 217 -15.51 17.25 -4.66
N GLY A 218 -15.99 18.48 -4.71
CA GLY A 218 -16.84 18.97 -3.66
C GLY A 218 -16.07 19.26 -2.39
N TYR A 219 -16.77 19.12 -1.26
CA TYR A 219 -16.25 19.50 0.05
C TYR A 219 -16.33 18.32 1.02
N PRO A 220 -15.54 17.28 0.76
CA PRO A 220 -15.65 16.07 1.58
C PRO A 220 -15.00 16.18 2.97
N ASN A 221 -15.49 15.37 3.90
CA ASN A 221 -14.79 15.12 5.15
C ASN A 221 -13.69 14.11 4.87
N MET A 222 -12.44 14.55 4.93
CA MET A 222 -11.33 13.70 4.52
C MET A 222 -10.61 12.99 5.67
N ASN A 223 -11.03 13.20 6.92
CA ASN A 223 -10.40 12.46 8.02
C ASN A 223 -10.65 10.96 7.92
N LEU A 224 -9.61 10.18 8.14
CA LEU A 224 -9.76 8.73 8.21
C LEU A 224 -8.89 8.16 9.31
N ASP A 225 -9.58 7.64 10.32
CA ASP A 225 -8.93 7.12 11.51
C ASP A 225 -8.98 5.60 11.55
N CYS A 226 -7.85 4.96 11.82
CA CYS A 226 -7.85 3.50 12.00
C CYS A 226 -7.38 3.15 13.40
N LEU A 227 -7.74 1.95 13.84
CA LEU A 227 -7.41 1.51 15.19
C LEU A 227 -6.03 0.90 15.31
N LEU A 228 -5.52 0.37 14.20
CA LEU A 228 -4.21 -0.25 14.13
C LEU A 228 -3.60 0.07 12.78
N PRO A 229 -2.30 0.41 12.74
CA PRO A 229 -1.65 0.53 11.42
C PRO A 229 -1.65 -0.81 10.69
N GLN A 230 -1.67 -0.78 9.37
CA GLN A 230 -1.65 -2.02 8.62
C GLN A 230 -0.44 -2.89 8.98
N GLU A 231 0.69 -2.26 9.23
CA GLU A 231 1.90 -3.00 9.57
C GLU A 231 1.79 -3.71 10.92
N TRP A 232 0.92 -3.21 11.79
CA TRP A 232 0.69 -3.90 13.06
C TRP A 232 -0.18 -5.14 12.83
N VAL A 233 -1.20 -5.01 11.99
CA VAL A 233 -2.01 -6.15 11.58
C VAL A 233 -1.11 -7.26 11.04
N SER A 234 -0.23 -6.92 10.10
CA SER A 234 0.62 -7.95 9.51
CA SER A 234 0.66 -7.90 9.50
C SER A 234 1.60 -8.53 10.52
N HIS A 235 2.10 -7.70 11.44
CA HIS A 235 3.02 -8.17 12.47
C HIS A 235 2.33 -9.17 13.40
N PHE A 236 1.16 -8.83 13.90
CA PHE A 236 0.48 -9.72 14.83
C PHE A 236 0.07 -11.02 14.14
N TYR A 237 -0.43 -10.90 12.91
CA TYR A 237 -0.80 -12.09 12.15
C TYR A 237 0.37 -13.06 12.05
N GLN A 238 1.56 -12.54 11.78
CA GLN A 238 2.72 -13.41 11.61
C GLN A 238 3.27 -13.93 12.94
N GLU A 239 3.39 -13.04 13.93
CA GLU A 239 3.98 -13.43 15.21
C GLU A 239 3.09 -14.34 16.01
N ALA A 240 1.80 -14.00 16.07
CA ALA A 240 0.84 -14.79 16.83
C ALA A 240 1.33 -15.06 18.25
N ALA A 241 1.86 -14.03 18.89
CA ALA A 241 2.36 -14.17 20.25
C ALA A 241 1.18 -14.22 21.21
N PRO A 242 1.17 -15.21 22.12
CA PRO A 242 0.04 -15.29 23.05
C PRO A 242 -0.12 -14.06 23.94
N ALA A 243 -1.35 -13.64 24.16
CA ALA A 243 -1.63 -12.54 25.06
C ALA A 243 -1.61 -13.05 26.48
N GLN A 244 -0.77 -12.46 27.32
CA GLN A 244 -0.67 -12.94 28.70
C GLN A 244 -1.69 -12.31 29.62
N SER A 245 -2.30 -11.23 29.17
CA SER A 245 -3.42 -10.60 29.87
C SER A 245 -4.27 -9.93 28.79
N ASP A 246 -5.32 -9.22 29.17
CA ASP A 246 -6.18 -8.56 28.20
C ASP A 246 -5.67 -7.19 27.77
N VAL A 247 -4.57 -6.73 28.37
CA VAL A 247 -4.07 -5.38 28.10
C VAL A 247 -2.54 -5.34 28.07
N ALA A 248 -1.99 -4.91 26.94
CA ALA A 248 -0.55 -4.70 26.79
C ALA A 248 -0.23 -3.23 27.00
N LEU A 249 0.68 -2.94 27.93
CA LEU A 249 1.12 -1.57 28.17
C LEU A 249 2.21 -1.21 27.19
N LEU A 250 1.94 -0.20 26.34
CA LEU A 250 2.94 0.36 25.43
C LEU A 250 3.42 1.72 25.91
N ARG A 251 4.70 1.99 25.69
CA ARG A 251 5.25 3.32 25.87
C ARG A 251 5.66 3.87 24.51
N PHE A 252 5.33 5.13 24.26
CA PHE A 252 5.73 5.80 23.03
C PHE A 252 7.00 6.56 23.39
N VAL A 253 8.09 6.18 22.74
CA VAL A 253 9.39 6.68 23.17
CA VAL A 253 9.43 6.61 23.15
C VAL A 253 10.09 7.46 22.07
N ASN A 254 10.83 8.48 22.50
CA ASN A 254 11.65 9.27 21.60
C ASN A 254 13.08 8.75 21.73
N PRO A 255 13.53 7.98 20.72
CA PRO A 255 14.87 7.39 20.86
C PRO A 255 16.00 8.42 20.89
N ASP A 256 15.70 9.64 20.45
CA ASP A 256 16.70 10.71 20.47
C ASP A 256 17.11 11.02 21.90
N THR A 257 16.22 10.73 22.85
CA THR A 257 16.41 11.14 24.24
C THR A 257 16.19 10.00 25.23
N GLY A 258 15.61 8.91 24.75
CA GLY A 258 15.25 7.79 25.59
C GLY A 258 14.01 8.08 26.43
N ARG A 259 13.46 9.29 26.28
CA ARG A 259 12.31 9.72 27.08
C ARG A 259 10.99 9.16 26.57
N VAL A 260 10.15 8.73 27.50
CA VAL A 260 8.79 8.31 27.19
C VAL A 260 7.92 9.55 27.04
N LEU A 261 7.25 9.65 25.89
CA LEU A 261 6.34 10.77 25.64
C LEU A 261 4.98 10.53 26.28
N PHE A 262 4.47 9.32 26.12
CA PHE A 262 3.22 8.92 26.77
C PHE A 262 3.14 7.41 26.80
N GLU A 263 2.22 6.89 27.60
CA GLU A 263 1.96 5.46 27.63
C GLU A 263 0.50 5.22 27.29
N CYS A 264 0.20 4.01 26.85
CA CYS A 264 -1.13 3.70 26.39
C CYS A 264 -1.38 2.20 26.57
N LYS A 265 -2.65 1.82 26.48
CA LYS A 265 -3.05 0.42 26.58
C LYS A 265 -3.44 -0.11 25.22
N LEU A 266 -2.76 -1.18 24.80
CA LEU A 266 -3.15 -1.92 23.62
C LEU A 266 -3.96 -3.11 24.11
N HIS A 267 -5.26 -3.05 23.85
CA HIS A 267 -6.15 -4.12 24.25
C HIS A 267 -5.97 -5.33 23.36
N LYS A 268 -6.04 -6.51 23.96
CA LYS A 268 -5.86 -7.77 23.25
C LYS A 268 -6.73 -7.86 22.00
N SER A 269 -7.94 -7.32 22.04
CA SER A 269 -8.84 -7.45 20.90
C SER A 269 -8.53 -6.45 19.78
N GLY A 270 -7.54 -5.59 20.00
CA GLY A 270 -6.91 -4.83 18.93
C GLY A 270 -7.32 -3.36 18.79
N TYR A 271 -7.09 -2.59 19.85
CA TYR A 271 -7.27 -1.14 19.80
C TYR A 271 -6.55 -0.55 20.99
N ILE A 272 -6.30 0.76 20.93
CA ILE A 272 -5.50 1.45 21.93
C ILE A 272 -6.32 2.52 22.66
N THR A 273 -6.14 2.60 23.98
CA THR A 273 -6.65 3.74 24.72
C THR A 273 -5.52 4.52 25.42
N VAL A 274 -5.79 5.80 25.67
CA VAL A 274 -4.92 6.71 26.40
C VAL A 274 -5.73 7.40 27.49
N ALA A 275 -5.03 7.90 28.51
CA ALA A 275 -5.67 8.68 29.57
C ALA A 275 -5.72 10.15 29.16
N HIS A 276 -6.86 10.56 28.62
CA HIS A 276 -7.05 11.93 28.20
C HIS A 276 -8.54 12.18 28.04
N THR A 277 -8.95 13.41 28.33
CA THR A 277 -10.30 13.87 28.06
C THR A 277 -10.25 15.05 27.11
N GLY A 278 -10.94 14.90 25.97
CA GLY A 278 -11.05 15.95 24.98
C GLY A 278 -10.37 15.60 23.67
N PRO A 279 -10.66 16.38 22.63
CA PRO A 279 -10.00 16.20 21.33
C PRO A 279 -8.57 16.69 21.42
N TYR A 280 -7.64 15.93 20.87
CA TYR A 280 -6.24 16.31 20.94
C TYR A 280 -5.45 15.74 19.79
N ASP A 281 -4.76 16.63 19.10
CA ASP A 281 -3.81 16.22 18.07
C ASP A 281 -2.46 16.03 18.73
N LEU A 282 -2.02 14.78 18.85
CA LEU A 282 -0.79 14.53 19.58
C LEU A 282 0.39 15.18 18.87
N VAL A 283 1.37 15.60 19.66
CA VAL A 283 2.61 16.18 19.15
C VAL A 283 3.71 15.17 19.39
N ILE A 284 4.24 14.60 18.31
CA ILE A 284 5.21 13.53 18.43
C ILE A 284 6.46 13.86 17.63
N PRO A 285 7.61 13.42 18.15
CA PRO A 285 8.86 13.63 17.44
C PRO A 285 8.98 12.68 16.24
N PRO A 286 9.78 13.06 15.25
CA PRO A 286 9.89 12.31 13.99
C PRO A 286 10.33 10.85 14.11
N ASN A 287 11.11 10.52 15.14
CA ASN A 287 11.64 9.17 15.29
C ASN A 287 10.91 8.40 16.39
N GLY A 288 9.81 8.97 16.88
CA GLY A 288 9.07 8.35 17.96
C GLY A 288 8.49 7.01 17.53
N TYR A 289 8.42 6.06 18.45
CA TYR A 289 7.81 4.76 18.15
C TYR A 289 7.23 4.12 19.39
N PHE A 290 6.39 3.12 19.18
CA PHE A 290 5.74 2.39 20.28
C PHE A 290 6.57 1.19 20.70
N ARG A 291 6.62 0.94 22.00
CA ARG A 291 7.39 -0.17 22.56
C ARG A 291 6.53 -0.89 23.60
N PHE A 292 6.35 -2.19 23.43
CA PHE A 292 5.67 -3.01 24.44
C PHE A 292 6.55 -3.22 25.66
N ASP A 293 6.01 -2.87 26.84
CA ASP A 293 6.77 -3.00 28.09
C ASP A 293 6.26 -4.11 29.03
N SER A 294 4.95 -4.26 29.18
CA SER A 294 4.44 -5.29 30.07
C SER A 294 2.96 -5.56 29.87
N TRP A 295 2.55 -6.76 30.25
CA TRP A 295 1.15 -7.10 30.35
C TRP A 295 0.61 -6.60 31.69
N VAL A 296 -0.52 -5.89 31.61
N VAL A 296 -0.50 -5.88 31.64
CA VAL A 296 -1.23 -5.38 32.79
CA VAL A 296 -1.09 -5.35 32.88
C VAL A 296 -2.70 -5.78 32.73
C VAL A 296 -2.47 -5.92 33.11
N ASN A 297 -3.57 -5.05 33.43
N ASN A 297 -2.90 -5.98 34.37
CA ASN A 297 -5.01 -5.33 33.37
CA ASN A 297 -4.24 -6.46 34.69
C ASN A 297 -5.87 -4.10 33.06
C ASN A 297 -5.31 -5.48 34.22
N GLN A 298 -7.17 -4.32 32.90
N GLN A 298 -6.53 -5.63 34.73
CA GLN A 298 -8.07 -3.24 32.51
CA GLN A 298 -7.66 -4.87 34.20
C GLN A 298 -8.17 -2.13 33.55
C GLN A 298 -7.89 -3.50 34.85
N PHE A 299 -7.65 -2.39 34.75
N PHE A 299 -7.06 -3.13 35.82
CA PHE A 299 -7.73 -1.45 35.87
CA PHE A 299 -7.32 -1.90 36.58
C PHE A 299 -6.43 -0.69 36.17
C PHE A 299 -6.25 -0.82 36.40
N TYR A 300 -5.37 -0.98 35.41
CA TYR A 300 -4.17 -0.15 35.38
C TYR A 300 -4.47 1.30 35.00
N THR A 301 -4.00 2.24 35.80
CA THR A 301 -4.19 3.66 35.53
C THR A 301 -2.98 4.21 34.79
N LEU A 302 -3.22 4.67 33.57
CA LEU A 302 -2.18 5.28 32.76
C LEU A 302 -1.85 6.67 33.29
N ALA A 303 -0.57 7.02 33.21
CA ALA A 303 -0.17 8.40 33.42
C ALA A 303 -0.89 9.23 32.36
N PRO A 304 -1.37 10.42 32.73
CA PRO A 304 -2.02 11.28 31.74
C PRO A 304 -1.19 11.46 30.46
N MET A 305 -1.84 11.29 29.32
CA MET A 305 -1.16 11.43 28.04
C MET A 305 -0.52 12.80 27.93
N LYS B 1 21.36 -11.71 16.88
CA LYS B 1 19.93 -11.78 16.60
C LYS B 1 19.67 -12.70 15.41
N PRO B 2 18.85 -13.76 15.59
CA PRO B 2 18.66 -14.64 14.44
C PRO B 2 17.93 -13.99 13.27
N PHE B 3 18.45 -14.25 12.08
CA PHE B 3 17.85 -13.76 10.86
C PHE B 3 16.62 -14.59 10.49
N THR B 4 15.61 -13.92 9.97
CA THR B 4 14.38 -14.56 9.49
C THR B 4 13.85 -13.77 8.30
N VAL B 5 13.04 -14.43 7.50
CA VAL B 5 12.22 -13.74 6.51
C VAL B 5 10.75 -13.90 6.92
N PRO B 6 9.87 -13.02 6.43
CA PRO B 6 8.46 -13.15 6.79
C PRO B 6 7.84 -14.48 6.36
N ILE B 7 6.78 -14.87 7.04
CA ILE B 7 6.06 -16.09 6.71
C ILE B 7 4.84 -15.85 5.82
N LEU B 8 4.66 -14.62 5.36
CA LEU B 8 3.53 -14.30 4.50
C LEU B 8 3.70 -15.03 3.16
N THR B 9 2.57 -15.44 2.61
CA THR B 9 2.59 -16.06 1.30
C THR B 9 2.81 -15.01 0.23
N VAL B 10 3.17 -15.44 -0.98
CA VAL B 10 3.39 -14.50 -2.07
C VAL B 10 2.20 -13.56 -2.28
N GLU B 11 0.98 -14.10 -2.34
CA GLU B 11 -0.20 -13.28 -2.62
CA GLU B 11 -0.16 -13.25 -2.64
C GLU B 11 -0.66 -12.42 -1.44
N GLU B 12 -0.08 -12.65 -0.27
CA GLU B 12 -0.33 -11.79 0.88
C GLU B 12 0.60 -10.58 0.91
N MET B 13 1.52 -10.50 -0.04
CA MET B 13 2.52 -9.43 -0.06
C MET B 13 2.34 -8.45 -1.23
N SER B 14 3.17 -7.41 -1.22
CA SER B 14 3.03 -6.24 -2.07
C SER B 14 4.30 -6.07 -2.91
N ASN B 15 4.13 -5.67 -4.15
CA ASN B 15 5.25 -5.26 -4.96
C ASN B 15 5.93 -4.06 -4.34
N SER B 16 7.25 -4.03 -4.41
CA SER B 16 8.05 -2.94 -3.86
C SER B 16 8.39 -1.88 -4.90
N ARG B 17 7.86 -2.03 -6.11
CA ARG B 17 8.11 -1.05 -7.18
C ARG B 17 6.84 -0.35 -7.71
N PHE B 18 5.68 -0.71 -7.19
CA PHE B 18 4.40 -0.11 -7.59
C PHE B 18 3.38 -0.58 -6.56
N PRO B 19 2.37 0.25 -6.23
CA PRO B 19 1.47 -0.10 -5.12
C PRO B 19 0.37 -1.12 -5.51
N ILE B 20 0.80 -2.34 -5.79
CA ILE B 20 -0.08 -3.43 -6.19
C ILE B 20 0.38 -4.74 -5.55
N PRO B 21 -0.51 -5.72 -5.39
CA PRO B 21 -0.13 -6.98 -4.75
C PRO B 21 0.80 -7.79 -5.63
N LEU B 22 1.60 -8.64 -5.01
CA LEU B 22 2.31 -9.65 -5.78
C LEU B 22 1.34 -10.67 -6.32
N GLU B 23 1.71 -11.27 -7.45
CA GLU B 23 0.93 -12.31 -8.08
C GLU B 23 1.62 -13.65 -8.16
N LYS B 24 2.92 -13.66 -8.42
CA LYS B 24 3.60 -14.91 -8.66
C LYS B 24 5.10 -14.74 -8.56
N LEU B 25 5.78 -15.87 -8.51
CA LEU B 25 7.24 -15.93 -8.57
C LEU B 25 7.64 -16.26 -10.00
N TYR B 26 8.67 -15.58 -10.50
CA TYR B 26 9.10 -15.73 -11.87
C TYR B 26 10.61 -15.68 -11.91
N THR B 27 11.21 -16.54 -12.73
CA THR B 27 12.63 -16.44 -13.02
C THR B 27 12.80 -16.36 -14.52
N GLY B 28 13.77 -15.57 -14.96
CA GLY B 28 14.07 -15.49 -16.37
C GLY B 28 15.46 -14.95 -16.59
N PRO B 29 15.93 -14.99 -17.83
CA PRO B 29 17.27 -14.50 -18.14
C PRO B 29 17.33 -12.98 -18.04
N SER B 30 18.49 -12.48 -17.61
CA SER B 30 18.65 -11.04 -17.44
C SER B 30 19.91 -10.50 -18.09
N SER B 31 20.59 -11.32 -18.90
CA SER B 31 21.76 -10.85 -19.61
C SER B 31 21.46 -9.73 -20.63
N ALA B 32 20.22 -9.60 -21.09
CA ALA B 32 19.88 -8.56 -22.06
C ALA B 32 19.62 -7.19 -21.43
N PHE B 33 19.57 -7.17 -20.10
CA PHE B 33 19.21 -5.97 -19.34
C PHE B 33 20.31 -5.61 -18.37
N VAL B 34 20.27 -4.38 -17.89
CA VAL B 34 20.92 -4.03 -16.64
C VAL B 34 19.79 -3.98 -15.60
N VAL B 35 19.85 -4.87 -14.62
CA VAL B 35 18.82 -4.96 -13.60
C VAL B 35 19.28 -4.11 -12.43
N GLN B 36 18.74 -2.90 -12.35
CA GLN B 36 19.20 -1.91 -11.37
C GLN B 36 18.02 -1.11 -10.79
N PRO B 37 16.98 -1.82 -10.34
CA PRO B 37 15.86 -1.08 -9.74
C PRO B 37 16.30 -0.33 -8.50
N GLN B 38 15.61 0.76 -8.21
CA GLN B 38 15.94 1.60 -7.07
C GLN B 38 14.95 1.50 -5.92
N ASN B 39 13.73 1.05 -6.23
CA ASN B 39 12.73 0.74 -5.20
C ASN B 39 12.80 -0.75 -4.92
N GLY B 40 12.46 -1.14 -3.70
CA GLY B 40 12.55 -2.53 -3.28
C GLY B 40 13.99 -2.99 -3.09
N ARG B 41 14.83 -2.09 -2.58
CA ARG B 41 16.25 -2.37 -2.38
C ARG B 41 16.59 -2.19 -0.91
N CYS B 42 17.06 -3.27 -0.30
CA CYS B 42 17.35 -3.26 1.14
C CYS B 42 18.26 -4.44 1.43
N THR B 43 19.25 -4.25 2.29
CA THR B 43 20.12 -5.34 2.67
C THR B 43 19.40 -6.23 3.69
N THR B 44 19.89 -7.45 3.88
CA THR B 44 19.23 -8.35 4.80
C THR B 44 19.35 -7.84 6.25
N ASP B 45 20.37 -7.02 6.54
CA ASP B 45 20.52 -6.43 7.87
C ASP B 45 19.86 -5.05 7.99
N GLY B 46 19.03 -4.71 7.01
CA GLY B 46 18.08 -3.62 7.16
C GLY B 46 18.54 -2.24 6.70
N VAL B 47 19.53 -2.19 5.83
CA VAL B 47 19.96 -0.91 5.29
C VAL B 47 19.20 -0.64 3.98
N LEU B 48 18.40 0.42 3.97
CA LEU B 48 17.65 0.80 2.77
C LEU B 48 18.59 1.37 1.73
N LEU B 49 18.32 1.04 0.47
CA LEU B 49 19.16 1.46 -0.65
C LEU B 49 18.35 2.19 -1.72
N GLY B 50 19.04 2.88 -2.61
CA GLY B 50 18.39 3.52 -3.73
C GLY B 50 17.39 4.56 -3.29
N THR B 51 16.18 4.45 -3.82
CA THR B 51 15.05 5.32 -3.44
C THR B 51 14.03 4.60 -2.54
N THR B 52 14.47 3.55 -1.84
CA THR B 52 13.53 2.70 -1.13
C THR B 52 13.08 3.29 0.20
N GLN B 53 11.77 3.28 0.38
CA GLN B 53 11.15 3.64 1.67
C GLN B 53 10.24 2.49 2.11
N LEU B 54 9.48 2.68 3.17
CA LEU B 54 8.98 1.54 3.94
C LEU B 54 7.56 1.05 3.63
N SER B 55 6.74 1.83 2.93
CA SER B 55 5.38 1.37 2.62
C SER B 55 5.07 1.39 1.13
N ALA B 56 4.41 0.34 0.67
CA ALA B 56 4.04 0.23 -0.72
C ALA B 56 3.09 1.36 -1.15
N VAL B 57 2.30 1.89 -0.23
CA VAL B 57 1.30 2.90 -0.61
C VAL B 57 1.90 4.22 -1.07
N ASN B 58 3.20 4.42 -0.84
CA ASN B 58 3.85 5.66 -1.24
C ASN B 58 4.60 5.59 -2.55
N ILE B 59 4.74 4.39 -3.10
CA ILE B 59 5.54 4.19 -4.30
C ILE B 59 4.88 4.81 -5.51
N CYS B 60 5.66 5.59 -6.27
CA CYS B 60 5.16 6.28 -7.46
C CYS B 60 4.04 7.28 -7.15
N ASN B 61 3.92 7.69 -5.88
CA ASN B 61 3.09 8.84 -5.51
C ASN B 61 3.93 10.12 -5.60
N PHE B 62 3.29 11.26 -5.86
CA PHE B 62 3.96 12.55 -5.87
C PHE B 62 3.08 13.57 -5.15
N ARG B 63 3.73 14.50 -4.47
CA ARG B 63 3.04 15.59 -3.79
C ARG B 63 3.75 16.90 -4.04
N GLY B 64 2.97 17.97 -4.09
CA GLY B 64 3.52 19.30 -4.24
C GLY B 64 2.51 20.31 -4.70
N ASP B 65 2.97 21.46 -5.16
CA ASP B 65 2.09 22.44 -5.76
C ASP B 65 2.29 22.39 -7.28
N VAL B 66 1.29 22.80 -8.02
CA VAL B 66 1.35 22.74 -9.48
C VAL B 66 1.12 24.09 -10.16
N THR B 67 1.72 24.22 -11.33
CA THR B 67 1.54 25.39 -12.18
C THR B 67 1.36 24.91 -13.62
N ARG B 68 0.45 25.53 -14.34
CA ARG B 68 0.17 25.11 -15.71
C ARG B 68 1.35 25.47 -16.61
N VAL B 69 1.66 24.56 -17.52
CA VAL B 69 2.68 24.82 -18.52
C VAL B 69 2.03 25.57 -19.67
N GLY B 70 2.39 26.84 -19.82
CA GLY B 70 1.85 27.67 -20.89
C GLY B 70 0.34 27.69 -20.80
N ILE B 71 -0.32 27.42 -21.92
CA ILE B 71 -1.78 27.33 -21.96
C ILE B 71 -2.21 25.91 -22.34
N SER B 72 -1.36 24.97 -21.96
CA SER B 72 -1.58 23.55 -22.28
C SER B 72 -2.34 22.83 -21.17
N HIS B 73 -2.50 21.53 -21.33
CA HIS B 73 -3.09 20.67 -20.32
C HIS B 73 -2.02 20.03 -19.42
N ASP B 74 -0.77 20.47 -19.57
CA ASP B 74 0.32 19.96 -18.75
C ASP B 74 0.54 20.84 -17.54
N TYR B 75 0.94 20.21 -16.45
CA TYR B 75 1.24 20.92 -15.21
C TYR B 75 2.58 20.47 -14.65
N THR B 76 3.37 21.44 -14.18
CA THR B 76 4.58 21.16 -13.47
C THR B 76 4.24 21.03 -11.99
N MET B 77 4.70 19.96 -11.36
CA MET B 77 4.61 19.83 -9.91
C MET B 77 5.98 20.10 -9.27
N ASN B 78 5.99 21.09 -8.38
CA ASN B 78 7.13 21.36 -7.54
C ASN B 78 7.00 20.49 -6.31
N LEU B 79 7.86 19.48 -6.21
CA LEU B 79 7.72 18.42 -5.23
C LEU B 79 7.97 18.86 -3.82
N VAL B 80 7.21 18.24 -2.92
CA VAL B 80 7.46 18.29 -1.48
C VAL B 80 7.61 16.85 -0.99
N SER B 81 7.89 16.67 0.29
CA SER B 81 8.05 15.35 0.87
C SER B 81 6.68 14.72 1.14
N GLN B 82 6.71 13.45 1.53
CA GLN B 82 5.50 12.69 1.84
C GLN B 82 4.62 13.42 2.85
N ASN B 83 5.23 14.05 3.85
CA ASN B 83 4.47 14.72 4.90
C ASN B 83 4.24 16.22 4.63
N TRP B 84 4.48 16.61 3.38
CA TRP B 84 4.21 17.94 2.85
C TRP B 84 5.27 18.97 3.21
N ASN B 85 6.34 18.55 3.88
CA ASN B 85 7.46 19.45 4.17
C ASN B 85 8.35 19.62 2.94
N ASN B 86 9.17 20.65 2.92
CA ASN B 86 9.99 20.93 1.75
C ASN B 86 10.85 19.73 1.34
N TYR B 87 11.04 19.53 0.04
CA TYR B 87 11.94 18.51 -0.43
C TYR B 87 13.37 19.02 -0.40
N ASP B 88 14.32 18.13 -0.10
CA ASP B 88 15.72 18.49 0.05
C ASP B 88 16.58 17.77 -1.00
N PRO B 89 16.96 18.50 -2.07
CA PRO B 89 17.71 17.83 -3.14
C PRO B 89 19.13 17.45 -2.74
N THR B 90 19.59 17.96 -1.59
CA THR B 90 20.96 17.72 -1.16
C THR B 90 21.15 16.36 -0.51
N GLU B 91 20.07 15.67 -0.18
CA GLU B 91 20.15 14.33 0.39
CA GLU B 91 20.17 14.34 0.40
C GLU B 91 20.84 13.37 -0.58
N GLU B 92 21.67 12.47 -0.05
CA GLU B 92 22.47 11.58 -0.88
C GLU B 92 21.70 10.35 -1.32
N ILE B 93 20.67 10.62 -2.11
CA ILE B 93 19.81 9.59 -2.71
C ILE B 93 19.62 9.98 -4.18
N PRO B 94 19.20 9.03 -5.02
CA PRO B 94 19.06 9.32 -6.47
C PRO B 94 17.94 10.30 -6.78
N ALA B 95 16.93 10.36 -5.91
CA ALA B 95 15.71 11.07 -6.16
C ALA B 95 14.89 10.86 -4.89
N PRO B 96 13.78 11.58 -4.73
CA PRO B 96 12.95 11.34 -3.54
C PRO B 96 12.62 9.87 -3.33
N LEU B 97 12.54 9.43 -2.08
CA LEU B 97 12.18 8.04 -1.85
C LEU B 97 10.80 7.77 -2.45
N GLY B 98 10.70 6.65 -3.15
CA GLY B 98 9.46 6.27 -3.81
C GLY B 98 9.31 6.68 -5.25
N THR B 99 10.24 7.49 -5.75
CA THR B 99 10.21 7.95 -7.14
C THR B 99 10.18 6.74 -8.08
N PRO B 100 9.38 6.80 -9.17
CA PRO B 100 9.42 5.68 -10.12
C PRO B 100 10.84 5.35 -10.56
N ASP B 101 11.14 4.05 -10.73
CA ASP B 101 12.48 3.61 -11.11
C ASP B 101 12.48 2.91 -12.45
N PHE B 102 11.54 3.27 -13.30
CA PHE B 102 11.53 2.76 -14.66
C PHE B 102 11.05 3.82 -15.63
N VAL B 103 11.43 3.67 -16.89
CA VAL B 103 10.96 4.55 -17.94
C VAL B 103 9.61 4.07 -18.45
N GLY B 104 8.60 4.90 -18.29
CA GLY B 104 7.25 4.56 -18.71
C GLY B 104 6.30 5.71 -18.43
N LYS B 105 5.09 5.56 -18.94
CA LYS B 105 4.04 6.54 -18.78
C LYS B 105 3.03 6.01 -17.75
N ILE B 106 3.06 6.59 -16.56
CA ILE B 106 2.25 6.13 -15.43
C ILE B 106 1.04 7.03 -15.34
N GLN B 107 -0.15 6.41 -15.38
CA GLN B 107 -1.40 7.15 -15.32
C GLN B 107 -2.07 6.95 -13.97
N GLY B 108 -2.78 7.98 -13.50
CA GLY B 108 -3.47 7.94 -12.23
C GLY B 108 -4.36 9.16 -12.13
N LEU B 109 -4.65 9.60 -10.92
CA LEU B 109 -5.40 10.82 -10.70
C LEU B 109 -4.55 11.82 -9.96
N LEU B 110 -4.61 13.06 -10.41
CA LEU B 110 -3.98 14.17 -9.75
C LEU B 110 -5.11 14.87 -9.01
N THR B 111 -5.00 14.94 -7.69
CA THR B 111 -6.05 15.48 -6.83
C THR B 111 -5.52 16.70 -6.10
N GLN B 112 -6.44 17.57 -5.69
CA GLN B 112 -6.05 18.82 -5.05
C GLN B 112 -7.11 19.29 -4.07
N THR B 113 -6.67 19.89 -2.98
CA THR B 113 -7.54 20.54 -2.02
C THR B 113 -7.17 22.00 -1.92
N THR B 114 -8.18 22.88 -1.86
CA THR B 114 -7.94 24.28 -1.56
C THR B 114 -8.13 24.45 -0.06
N ARG B 115 -7.05 24.73 0.65
CA ARG B 115 -7.07 24.73 2.11
C ARG B 115 -8.10 25.70 2.66
N ALA B 116 -8.21 26.88 2.06
CA ALA B 116 -9.03 27.92 2.64
C ALA B 116 -10.50 27.54 2.75
N ASP B 117 -11.01 26.75 1.80
CA ASP B 117 -12.44 26.45 1.83
C ASP B 117 -12.80 24.97 1.75
N GLY B 118 -11.79 24.10 1.74
CA GLY B 118 -12.05 22.67 1.72
C GLY B 118 -12.54 22.12 0.38
N SER B 119 -12.50 22.93 -0.67
CA SER B 119 -12.92 22.44 -2.00
C SER B 119 -11.85 21.52 -2.59
N THR B 120 -12.29 20.55 -3.38
CA THR B 120 -11.42 19.51 -3.88
C THR B 120 -11.71 19.19 -5.33
N ARG B 121 -10.76 18.51 -5.98
CA ARG B 121 -10.85 18.25 -7.41
C ARG B 121 -9.92 17.12 -7.81
N ALA B 122 -10.20 16.49 -8.94
CA ALA B 122 -9.40 15.37 -9.42
C ALA B 122 -9.48 15.27 -10.93
N HIS B 123 -8.34 14.97 -11.53
CA HIS B 123 -8.21 14.87 -12.98
C HIS B 123 -7.30 13.74 -13.37
N LYS B 124 -7.68 13.02 -14.43
CA LYS B 124 -6.81 11.97 -14.93
C LYS B 124 -5.51 12.61 -15.42
N ALA B 125 -4.40 11.96 -15.12
CA ALA B 125 -3.08 12.53 -15.35
C ALA B 125 -2.08 11.43 -15.62
N THR B 126 -1.08 11.77 -16.42
CA THR B 126 -0.01 10.85 -16.78
C THR B 126 1.32 11.54 -16.56
N VAL B 127 2.27 10.81 -15.97
CA VAL B 127 3.65 11.27 -15.90
C VAL B 127 4.52 10.36 -16.77
N SER B 128 5.20 10.99 -17.71
CA SER B 128 6.13 10.27 -18.58
C SER B 128 7.52 10.37 -17.99
N THR B 129 8.02 9.27 -17.46
CA THR B 129 9.27 9.33 -16.69
C THR B 129 10.50 9.38 -17.61
N GLY B 130 10.31 9.11 -18.91
CA GLY B 130 11.35 9.29 -19.92
C GLY B 130 11.46 10.71 -20.46
N SER B 131 10.53 11.58 -20.07
CA SER B 131 10.51 12.95 -20.54
C SER B 131 11.68 13.76 -19.98
N VAL B 132 12.22 14.69 -20.76
CA VAL B 132 13.21 15.63 -20.24
C VAL B 132 12.69 16.44 -19.04
N HIS B 133 11.37 16.52 -18.87
CA HIS B 133 10.76 17.25 -17.76
C HIS B 133 10.57 16.40 -16.51
N PHE B 134 10.95 15.13 -16.60
CA PHE B 134 10.95 14.28 -15.41
C PHE B 134 12.26 14.52 -14.68
N THR B 135 12.23 15.45 -13.74
CA THR B 135 13.44 15.85 -13.01
C THR B 135 13.22 15.81 -11.49
N PRO B 136 12.79 14.65 -10.96
CA PRO B 136 12.47 14.60 -9.54
C PRO B 136 13.66 14.92 -8.63
N LYS B 137 14.87 14.55 -9.02
CA LYS B 137 16.02 14.88 -8.20
C LYS B 137 16.19 16.40 -8.07
N LEU B 138 15.81 17.14 -9.11
CA LEU B 138 15.88 18.61 -9.06
C LEU B 138 14.67 19.21 -8.35
N GLY B 139 13.65 18.40 -8.12
CA GLY B 139 12.48 18.83 -7.38
C GLY B 139 11.25 19.11 -8.21
N SER B 140 11.20 18.65 -9.45
CA SER B 140 9.98 18.87 -10.25
C SER B 140 9.73 17.77 -11.27
N VAL B 141 8.46 17.47 -11.50
CA VAL B 141 8.06 16.60 -12.59
C VAL B 141 6.88 17.23 -13.29
N GLN B 142 6.60 16.77 -14.50
CA GLN B 142 5.52 17.31 -15.29
C GLN B 142 4.48 16.23 -15.58
N PHE B 143 3.21 16.63 -15.49
CA PHE B 143 2.09 15.75 -15.80
C PHE B 143 1.31 16.27 -16.98
N THR B 144 0.80 15.37 -17.82
CA THR B 144 -0.24 15.71 -18.77
C THR B 144 -1.56 15.35 -18.13
N THR B 145 -2.53 16.25 -18.17
CA THR B 145 -3.79 16.05 -17.48
C THR B 145 -4.96 16.27 -18.42
N ASP B 146 -6.16 15.98 -17.94
CA ASP B 146 -7.38 16.21 -18.71
C ASP B 146 -8.00 17.60 -18.50
N THR B 147 -7.26 18.51 -17.87
CA THR B 147 -7.72 19.90 -17.72
C THR B 147 -6.65 20.89 -18.13
N ASN B 148 -7.09 22.07 -18.52
CA ASN B 148 -6.19 23.19 -18.73
C ASN B 148 -6.52 24.37 -17.83
N ASN B 149 -7.37 24.19 -16.81
CA ASN B 149 -7.81 25.35 -16.05
CA ASN B 149 -7.65 25.35 -15.97
C ASN B 149 -8.24 25.07 -14.60
N ASP B 150 -8.47 23.82 -14.24
CA ASP B 150 -9.11 23.55 -12.95
C ASP B 150 -8.16 23.57 -11.74
N PHE B 151 -6.88 23.27 -11.94
CA PHE B 151 -5.94 23.25 -10.81
C PHE B 151 -5.55 24.66 -10.41
N GLN B 152 -5.45 24.86 -9.10
CA GLN B 152 -5.07 26.15 -8.54
C GLN B 152 -3.62 26.14 -8.12
N THR B 153 -2.98 27.29 -8.19
CA THR B 153 -1.61 27.43 -7.74
C THR B 153 -1.56 27.52 -6.21
N GLY B 154 -0.42 27.09 -5.66
CA GLY B 154 -0.15 27.20 -4.24
C GLY B 154 -0.94 26.27 -3.33
N GLN B 155 -1.62 25.30 -3.92
CA GLN B 155 -2.44 24.36 -3.16
C GLN B 155 -1.83 22.96 -3.21
N ASN B 156 -1.97 22.25 -2.10
CA ASN B 156 -1.47 20.88 -2.00
C ASN B 156 -2.14 19.97 -3.01
N THR B 157 -1.32 19.25 -3.76
CA THR B 157 -1.71 18.42 -4.88
C THR B 157 -1.00 17.08 -4.75
N LYS B 158 -1.72 15.99 -5.03
CA LYS B 158 -1.20 14.64 -4.94
C LYS B 158 -1.46 13.88 -6.24
N PHE B 159 -0.47 13.12 -6.71
CA PHE B 159 -0.68 12.13 -7.76
C PHE B 159 -0.72 10.77 -7.13
N THR B 160 -1.81 10.06 -7.39
CA THR B 160 -1.94 8.66 -6.98
C THR B 160 -1.85 7.82 -8.24
N PRO B 161 -0.84 6.93 -8.31
CA PRO B 161 -0.66 6.12 -9.51
C PRO B 161 -1.69 5.00 -9.59
N VAL B 162 -2.05 4.61 -10.80
CA VAL B 162 -2.95 3.48 -10.99
C VAL B 162 -2.33 2.41 -11.90
N GLY B 163 -1.79 2.84 -13.03
CA GLY B 163 -1.26 1.90 -13.98
C GLY B 163 -0.43 2.59 -15.03
N VAL B 164 -0.29 1.96 -16.19
CA VAL B 164 0.60 2.42 -17.25
C VAL B 164 -0.09 2.44 -18.60
N ILE B 165 0.39 3.31 -19.50
CA ILE B 165 -0.15 3.41 -20.84
C ILE B 165 0.94 3.15 -21.87
N GLN B 166 0.51 3.01 -23.11
CA GLN B 166 1.40 2.81 -24.23
C GLN B 166 0.80 3.45 -25.47
N ASP B 167 1.66 3.91 -26.35
CA ASP B 167 1.22 4.44 -27.63
CA ASP B 167 1.21 4.40 -27.64
C ASP B 167 2.20 4.00 -28.72
N GLY B 168 1.66 3.64 -29.88
CA GLY B 168 2.48 3.25 -31.02
C GLY B 168 2.14 1.89 -31.55
N ASP B 169 2.54 1.65 -32.81
CA ASP B 169 2.26 0.40 -33.49
C ASP B 169 3.06 -0.78 -32.95
N HIS B 170 4.15 -0.49 -32.24
CA HIS B 170 4.96 -1.55 -31.64
C HIS B 170 4.40 -1.85 -30.26
N HIS B 171 3.55 -2.85 -30.19
CA HIS B 171 2.83 -3.14 -28.96
C HIS B 171 3.79 -3.65 -27.91
N GLN B 172 3.46 -3.35 -26.66
CA GLN B 172 4.27 -3.70 -25.50
C GLN B 172 5.69 -3.15 -25.56
N ASN B 173 5.89 -2.06 -26.29
CA ASN B 173 7.22 -1.43 -26.36
C ASN B 173 7.58 -0.60 -25.12
N GLU B 174 6.58 -0.29 -24.30
CA GLU B 174 6.77 0.49 -23.09
C GLU B 174 5.68 0.06 -22.12
N PRO B 175 5.89 0.26 -20.81
CA PRO B 175 7.10 0.71 -20.13
C PRO B 175 8.30 -0.20 -20.37
N GLN B 176 9.47 0.29 -19.99
CA GLN B 176 10.70 -0.49 -19.99
C GLN B 176 11.15 -0.60 -18.55
N GLN B 177 10.78 -1.69 -17.89
CA GLN B 177 10.92 -1.76 -16.45
C GLN B 177 12.36 -1.79 -15.97
N TRP B 178 13.30 -2.14 -16.86
CA TRP B 178 14.70 -2.22 -16.46
C TRP B 178 15.55 -1.05 -16.98
N VAL B 179 14.90 0.00 -17.46
CA VAL B 179 15.60 1.21 -17.87
C VAL B 179 15.31 2.30 -16.86
N LEU B 180 16.35 2.76 -16.17
CA LEU B 180 16.17 3.80 -15.17
C LEU B 180 15.91 5.13 -15.83
N PRO B 181 15.03 5.93 -15.24
CA PRO B 181 14.91 7.31 -15.72
C PRO B 181 16.17 8.09 -15.42
N ASN B 182 16.31 9.25 -16.07
CA ASN B 182 17.31 10.24 -15.69
C ASN B 182 16.67 11.14 -14.65
N TYR B 183 16.99 10.92 -13.38
CA TYR B 183 16.33 11.63 -12.30
C TYR B 183 16.54 13.14 -12.32
N SER B 184 17.64 13.60 -12.93
CA SER B 184 17.89 15.04 -13.09
C SER B 184 17.74 15.48 -14.54
N GLY B 185 17.06 14.68 -15.35
CA GLY B 185 16.88 15.00 -16.77
C GLY B 185 18.22 15.10 -17.49
N THR B 186 18.33 16.07 -18.37
CA THR B 186 19.55 16.28 -19.14
C THR B 186 20.62 17.03 -18.36
N SER B 187 20.32 17.47 -17.15
CA SER B 187 21.23 18.33 -16.40
CA SER B 187 21.25 18.33 -16.41
C SER B 187 22.42 17.58 -15.78
N GLY B 188 22.25 16.30 -15.53
CA GLY B 188 23.31 15.54 -14.90
C GLY B 188 22.98 14.06 -14.85
N HIS B 189 23.99 13.26 -14.57
CA HIS B 189 23.82 11.81 -14.50
C HIS B 189 23.21 11.41 -13.16
N ASN B 190 22.68 10.20 -13.12
CA ASN B 190 22.10 9.70 -11.89
C ASN B 190 23.18 9.50 -10.84
N VAL B 191 22.83 9.69 -9.57
CA VAL B 191 23.76 9.56 -8.47
C VAL B 191 23.20 8.67 -7.36
N HIS B 192 24.11 8.14 -6.54
CA HIS B 192 23.75 7.41 -5.31
C HIS B 192 22.89 6.19 -5.54
N LEU B 193 23.09 5.54 -6.69
CA LEU B 193 22.25 4.41 -7.07
C LEU B 193 22.57 3.15 -6.28
N ALA B 194 21.53 2.39 -5.97
CA ALA B 194 21.70 1.01 -5.58
C ALA B 194 22.32 0.28 -6.77
N PRO B 195 23.23 -0.67 -6.54
CA PRO B 195 23.96 -1.30 -7.64
C PRO B 195 23.11 -2.20 -8.50
N ALA B 196 23.55 -2.40 -9.75
CA ALA B 196 22.95 -3.42 -10.58
C ALA B 196 23.21 -4.78 -9.96
N VAL B 197 22.31 -5.73 -10.22
CA VAL B 197 22.43 -7.09 -9.73
C VAL B 197 22.40 -8.05 -10.90
N ALA B 198 23.14 -9.13 -10.76
CA ALA B 198 23.18 -10.15 -11.79
C ALA B 198 23.59 -11.47 -11.17
N PRO B 199 23.12 -12.57 -11.73
CA PRO B 199 23.64 -13.86 -11.28
C PRO B 199 25.08 -14.02 -11.79
N THR B 200 25.95 -14.62 -11.00
CA THR B 200 27.33 -14.86 -11.41
C THR B 200 27.64 -16.33 -11.44
N PHE B 201 26.90 -17.10 -10.67
CA PHE B 201 27.23 -18.50 -10.47
C PHE B 201 26.64 -19.32 -11.61
N PRO B 202 27.39 -20.29 -12.15
CA PRO B 202 26.87 -20.99 -13.33
C PRO B 202 25.53 -21.67 -13.10
N GLY B 203 24.64 -21.48 -14.05
CA GLY B 203 23.30 -22.04 -13.97
C GLY B 203 22.28 -21.23 -13.18
N GLU B 204 22.67 -20.06 -12.67
CA GLU B 204 21.75 -19.28 -11.86
C GLU B 204 21.09 -18.15 -12.64
N GLN B 205 19.90 -17.78 -12.15
CA GLN B 205 19.14 -16.61 -12.60
C GLN B 205 18.63 -15.90 -11.37
N LEU B 206 18.26 -14.64 -11.54
CA LEU B 206 17.52 -13.92 -10.50
C LEU B 206 16.14 -14.55 -10.34
N LEU B 207 15.62 -14.48 -9.12
CA LEU B 207 14.23 -14.82 -8.82
C LEU B 207 13.52 -13.49 -8.59
N PHE B 208 12.39 -13.32 -9.27
CA PHE B 208 11.60 -12.10 -9.20
C PHE B 208 10.26 -12.33 -8.55
N PHE B 209 9.79 -11.30 -7.86
CA PHE B 209 8.45 -11.26 -7.32
C PHE B 209 7.64 -10.41 -8.29
N ARG B 210 6.74 -11.06 -9.02
CA ARG B 210 6.08 -10.46 -10.17
C ARG B 210 4.63 -10.03 -9.95
N SER B 211 4.28 -8.88 -10.52
CA SER B 211 2.92 -8.37 -10.57
C SER B 211 2.61 -7.94 -11.99
N THR B 212 1.33 -7.70 -12.24
CA THR B 212 0.87 -7.13 -13.51
C THR B 212 0.31 -5.76 -13.21
N MET B 213 0.97 -4.72 -13.71
CA MET B 213 0.46 -3.36 -13.55
C MET B 213 -0.83 -3.19 -14.35
N PRO B 214 -1.83 -2.52 -13.76
CA PRO B 214 -3.00 -2.21 -14.57
C PRO B 214 -2.62 -1.41 -15.82
N GLY B 215 -3.22 -1.76 -16.95
CA GLY B 215 -3.08 -0.99 -18.16
C GLY B 215 -4.20 0.01 -18.27
N CYS B 216 -3.85 1.23 -18.70
CA CYS B 216 -4.80 2.34 -18.73
C CYS B 216 -5.10 2.88 -20.12
N SER B 217 -4.30 2.51 -21.12
CA SER B 217 -4.55 2.92 -22.51
C SER B 217 -3.53 2.25 -23.40
N GLY B 218 -3.91 1.94 -24.63
CA GLY B 218 -3.00 1.30 -25.56
C GLY B 218 -2.64 -0.11 -25.18
N TYR B 219 -1.42 -0.50 -25.54
CA TYR B 219 -0.95 -1.88 -25.42
C TYR B 219 0.36 -1.95 -24.62
N PRO B 220 0.30 -1.65 -23.33
CA PRO B 220 1.51 -1.60 -22.54
C PRO B 220 2.07 -2.97 -22.16
N ASN B 221 3.38 -2.99 -21.93
CA ASN B 221 4.00 -4.11 -21.25
C ASN B 221 3.73 -3.96 -19.75
N MET B 222 2.86 -4.80 -19.21
CA MET B 222 2.41 -4.64 -17.82
C MET B 222 3.20 -5.45 -16.78
N ASN B 223 4.23 -6.18 -17.21
CA ASN B 223 5.01 -6.95 -16.25
C ASN B 223 5.83 -6.05 -15.34
N LEU B 224 5.83 -6.35 -14.05
CA LEU B 224 6.65 -5.62 -13.11
C LEU B 224 7.26 -6.55 -12.08
N ASP B 225 8.58 -6.67 -12.15
CA ASP B 225 9.33 -7.57 -11.29
C ASP B 225 10.07 -6.82 -10.22
N CYS B 226 9.94 -7.27 -8.97
CA CYS B 226 10.74 -6.65 -7.92
C CYS B 226 11.65 -7.70 -7.28
N LEU B 227 12.71 -7.23 -6.66
CA LEU B 227 13.72 -8.13 -6.10
C LEU B 227 13.37 -8.62 -4.69
N LEU B 228 12.56 -7.85 -3.98
CA LEU B 228 12.14 -8.16 -2.61
C LEU B 228 10.71 -7.67 -2.48
N PRO B 229 9.83 -8.47 -1.85
CA PRO B 229 8.52 -7.91 -1.51
C PRO B 229 8.66 -6.71 -0.57
N GLN B 230 7.71 -5.78 -0.60
CA GLN B 230 7.80 -4.65 0.28
C GLN B 230 7.83 -5.09 1.74
N GLU B 231 7.09 -6.15 2.06
CA GLU B 231 7.05 -6.63 3.43
C GLU B 231 8.39 -7.18 3.89
N TRP B 232 9.23 -7.63 2.97
CA TRP B 232 10.57 -8.07 3.35
C TRP B 232 11.46 -6.86 3.65
N VAL B 233 11.33 -5.81 2.85
CA VAL B 233 12.03 -4.56 3.11
C VAL B 233 11.71 -4.10 4.52
N SER B 234 10.43 -4.03 4.86
CA SER B 234 10.06 -3.55 6.18
CA SER B 234 10.02 -3.57 6.18
C SER B 234 10.52 -4.49 7.29
N HIS B 235 10.49 -5.81 7.02
CA HIS B 235 10.95 -6.78 7.99
C HIS B 235 12.44 -6.61 8.29
N PHE B 236 13.26 -6.54 7.25
CA PHE B 236 14.71 -6.42 7.45
C PHE B 236 15.05 -5.10 8.14
N TYR B 237 14.39 -4.03 7.72
CA TYR B 237 14.62 -2.71 8.32
C TYR B 237 14.39 -2.73 9.83
N GLN B 238 13.32 -3.38 10.25
CA GLN B 238 13.00 -3.44 11.66
C GLN B 238 13.87 -4.42 12.43
N GLU B 239 14.06 -5.62 11.89
CA GLU B 239 14.81 -6.64 12.60
C GLU B 239 16.28 -6.30 12.70
N ALA B 240 16.85 -5.83 11.60
CA ALA B 240 18.27 -5.51 11.53
C ALA B 240 19.13 -6.63 12.09
N ALA B 241 18.80 -7.86 11.70
CA ALA B 241 19.58 -9.01 12.15
C ALA B 241 20.90 -9.02 11.40
N PRO B 242 22.02 -9.18 12.09
CA PRO B 242 23.32 -9.19 11.41
C PRO B 242 23.45 -10.29 10.39
N ALA B 243 24.02 -9.99 9.22
CA ALA B 243 24.30 -11.00 8.23
C ALA B 243 25.55 -11.75 8.65
N GLN B 244 25.44 -13.07 8.82
CA GLN B 244 26.55 -13.88 9.32
CA GLN B 244 26.59 -13.82 9.32
C GLN B 244 27.46 -14.38 8.20
N SER B 245 27.00 -14.27 6.96
CA SER B 245 27.77 -14.60 5.78
C SER B 245 27.15 -13.82 4.62
N ASP B 246 27.66 -14.02 3.41
CA ASP B 246 27.20 -13.25 2.26
C ASP B 246 25.85 -13.67 1.72
N VAL B 247 25.39 -14.86 2.07
CA VAL B 247 24.17 -15.42 1.47
C VAL B 247 23.36 -16.17 2.50
N ALA B 248 22.06 -15.92 2.50
CA ALA B 248 21.12 -16.64 3.33
C ALA B 248 20.43 -17.67 2.45
N LEU B 249 20.58 -18.94 2.81
CA LEU B 249 19.92 -20.03 2.10
C LEU B 249 18.48 -20.10 2.57
N LEU B 250 17.54 -19.95 1.64
CA LEU B 250 16.12 -20.07 1.95
C LEU B 250 15.54 -21.30 1.27
N ARG B 251 14.61 -21.96 1.95
CA ARG B 251 13.81 -23.03 1.38
C ARG B 251 12.36 -22.55 1.26
N PHE B 252 11.73 -22.85 0.13
CA PHE B 252 10.33 -22.53 -0.08
C PHE B 252 9.55 -23.79 0.23
N VAL B 253 8.69 -23.69 1.25
CA VAL B 253 8.08 -24.85 1.88
C VAL B 253 6.56 -24.83 1.77
N ASN B 254 5.97 -26.01 1.60
CA ASN B 254 4.54 -26.16 1.79
C ASN B 254 4.31 -26.45 3.26
N PRO B 255 3.63 -25.55 3.98
CA PRO B 255 3.51 -25.73 5.43
C PRO B 255 2.63 -26.92 5.83
N ASP B 256 1.77 -27.36 4.91
CA ASP B 256 0.85 -28.46 5.19
C ASP B 256 1.56 -29.81 5.16
N THR B 257 2.40 -30.02 4.14
CA THR B 257 3.13 -31.28 3.98
C THR B 257 4.53 -31.19 4.59
N GLY B 258 5.03 -29.98 4.75
CA GLY B 258 6.36 -29.75 5.27
C GLY B 258 7.44 -29.94 4.21
N ARG B 259 7.03 -30.22 2.97
CA ARG B 259 7.98 -30.49 1.90
C ARG B 259 8.58 -29.22 1.28
N VAL B 260 9.86 -29.31 0.96
CA VAL B 260 10.57 -28.24 0.28
C VAL B 260 10.30 -28.31 -1.22
N LEU B 261 9.84 -27.20 -1.80
CA LEU B 261 9.55 -27.14 -3.24
C LEU B 261 10.80 -26.75 -4.01
N PHE B 262 11.51 -25.77 -3.49
CA PHE B 262 12.79 -25.35 -4.07
C PHE B 262 13.59 -24.58 -3.04
N GLU B 263 14.85 -24.32 -3.36
CA GLU B 263 15.71 -23.54 -2.49
C GLU B 263 16.36 -22.44 -3.32
N CYS B 264 16.79 -21.38 -2.63
CA CYS B 264 17.32 -20.22 -3.30
C CYS B 264 18.32 -19.50 -2.39
N LYS B 265 19.06 -18.57 -2.98
CA LYS B 265 20.10 -17.82 -2.30
C LYS B 265 19.70 -16.36 -2.18
N LEU B 266 19.46 -15.92 -0.96
CA LEU B 266 19.19 -14.53 -0.68
C LEU B 266 20.50 -13.84 -0.33
N HIS B 267 21.01 -13.09 -1.29
CA HIS B 267 22.27 -12.38 -1.10
C HIS B 267 22.10 -11.28 -0.09
N LYS B 268 23.10 -11.06 0.76
CA LYS B 268 22.93 -10.11 1.84
C LYS B 268 22.65 -8.70 1.34
N SER B 269 23.06 -8.39 0.11
CA SER B 269 22.79 -7.07 -0.43
C SER B 269 21.36 -6.90 -0.95
N GLY B 270 20.56 -7.97 -0.87
CA GLY B 270 19.11 -7.89 -1.07
C GLY B 270 18.57 -8.29 -2.42
N TYR B 271 18.89 -9.50 -2.87
CA TYR B 271 18.28 -10.06 -4.05
C TYR B 271 18.45 -11.57 -4.01
N ILE B 272 17.66 -12.27 -4.80
CA ILE B 272 17.62 -13.73 -4.76
C ILE B 272 18.06 -14.33 -6.09
N THR B 273 18.85 -15.38 -6.02
CA THR B 273 19.11 -16.23 -7.19
C THR B 273 18.64 -17.65 -6.96
N VAL B 274 18.32 -18.30 -8.07
CA VAL B 274 17.88 -19.68 -8.10
C VAL B 274 18.64 -20.39 -9.21
N ALA B 275 18.69 -21.71 -9.16
CA ALA B 275 19.37 -22.49 -10.20
C ALA B 275 18.38 -22.86 -11.29
N HIS B 276 18.29 -22.00 -12.30
CA HIS B 276 17.42 -22.23 -13.44
C HIS B 276 17.86 -21.39 -14.63
N THR B 277 17.58 -21.87 -15.83
CA THR B 277 17.87 -21.13 -17.06
C THR B 277 16.61 -21.09 -17.92
N GLY B 278 16.25 -19.90 -18.37
CA GLY B 278 15.05 -19.71 -19.16
C GLY B 278 13.92 -19.09 -18.38
N PRO B 279 12.89 -18.62 -19.11
CA PRO B 279 11.70 -18.04 -18.48
C PRO B 279 10.85 -19.14 -17.85
N TYR B 280 10.42 -18.91 -16.61
CA TYR B 280 9.66 -19.91 -15.87
C TYR B 280 8.78 -19.28 -14.81
N ASP B 281 7.48 -19.50 -14.95
CA ASP B 281 6.51 -19.15 -13.92
C ASP B 281 6.52 -20.30 -12.94
N LEU B 282 7.02 -20.06 -11.73
CA LEU B 282 7.14 -21.15 -10.76
C LEU B 282 5.78 -21.70 -10.41
N VAL B 283 5.71 -23.03 -10.30
CA VAL B 283 4.48 -23.74 -9.90
C VAL B 283 4.53 -23.99 -8.40
N ILE B 284 3.69 -23.26 -7.66
CA ILE B 284 3.71 -23.26 -6.21
C ILE B 284 2.32 -23.38 -5.61
N PRO B 285 2.21 -24.00 -4.43
CA PRO B 285 0.94 -23.98 -3.71
C PRO B 285 0.74 -22.60 -3.12
N PRO B 286 -0.49 -22.12 -3.07
CA PRO B 286 -0.70 -20.73 -2.63
C PRO B 286 -0.33 -20.47 -1.17
N ASN B 287 -0.25 -21.51 -0.35
CA ASN B 287 0.13 -21.36 1.05
C ASN B 287 1.63 -21.53 1.29
N GLY B 288 2.41 -21.67 0.23
CA GLY B 288 3.84 -21.82 0.36
C GLY B 288 4.50 -20.57 0.90
N TYR B 289 5.62 -20.75 1.58
CA TYR B 289 6.34 -19.60 2.14
C TYR B 289 7.83 -19.89 2.20
N PHE B 290 8.61 -18.82 2.28
CA PHE B 290 10.05 -18.93 2.40
C PHE B 290 10.48 -19.08 3.86
N ARG B 291 11.51 -19.89 4.06
CA ARG B 291 12.06 -20.14 5.40
C ARG B 291 13.59 -20.04 5.35
N PHE B 292 14.18 -19.22 6.21
CA PHE B 292 15.63 -19.14 6.30
C PHE B 292 16.17 -20.36 7.01
N ASP B 293 17.13 -21.05 6.38
CA ASP B 293 17.71 -22.24 6.98
C ASP B 293 19.16 -22.08 7.42
N SER B 294 20.01 -21.47 6.61
CA SER B 294 21.40 -21.29 7.05
C SER B 294 22.18 -20.24 6.27
N TRP B 295 23.27 -19.82 6.88
CA TRP B 295 24.21 -18.89 6.27
C TRP B 295 25.23 -19.63 5.42
N VAL B 296 25.29 -19.27 4.14
CA VAL B 296 26.16 -19.94 3.18
C VAL B 296 26.98 -18.91 2.38
N ASN B 297 27.68 -19.31 1.33
CA ASN B 297 28.46 -18.35 0.54
C ASN B 297 27.96 -18.25 -0.91
N GLN B 298 28.58 -17.35 -1.68
CA GLN B 298 28.09 -17.07 -3.03
C GLN B 298 28.28 -18.25 -3.97
N PHE B 299 29.08 -19.23 -3.57
CA PHE B 299 29.37 -20.38 -4.42
C PHE B 299 28.56 -21.61 -4.03
N TYR B 300 27.60 -21.44 -3.15
CA TYR B 300 26.73 -22.55 -2.75
C TYR B 300 25.99 -23.06 -3.98
N THR B 301 26.10 -24.35 -4.25
CA THR B 301 25.46 -24.94 -5.42
C THR B 301 24.07 -25.43 -5.03
N LEU B 302 23.04 -24.76 -5.52
CA LEU B 302 21.67 -25.09 -5.17
C LEU B 302 21.18 -26.34 -5.87
N ALA B 303 20.27 -27.05 -5.21
CA ALA B 303 19.47 -28.04 -5.90
C ALA B 303 18.77 -27.34 -7.07
N PRO B 304 18.89 -27.89 -8.28
CA PRO B 304 18.25 -27.23 -9.42
C PRO B 304 16.76 -27.04 -9.24
N MET B 305 16.28 -25.90 -9.71
CA MET B 305 14.84 -25.70 -9.72
C MET B 305 14.13 -26.78 -10.55
C1 GLA C . -6.32 4.68 -28.06
C2 GLA C . -6.99 5.16 -26.79
C3 GLA C . -7.67 6.48 -27.03
C4 GLA C . -6.71 7.48 -27.68
C5 GLA C . -6.07 6.84 -28.89
C6 GLA C . -5.06 7.82 -29.52
O1 GLA C . -7.28 4.44 -29.04
O2 GLA C . -7.97 4.21 -26.38
O3 GLA C . -8.14 7.00 -25.81
O4 GLA C . -5.69 7.83 -26.74
O5 GLA C . -5.39 5.65 -28.50
O6 GLA C . -4.47 7.22 -30.67
C1 FUC C . -7.61 3.34 -25.34
C2 FUC C . -8.87 2.70 -24.77
C3 FUC C . -9.55 1.81 -25.80
C4 FUC C . -8.55 0.85 -26.43
C5 FUC C . -7.30 1.59 -26.90
C6 FUC C . -6.27 0.63 -27.47
O2 FUC C . -9.79 3.73 -24.37
O3 FUC C . -10.59 1.05 -25.17
O4 FUC C . -8.17 -0.15 -25.48
O5 FUC C . -6.74 2.32 -25.81
C1 GLA C . -9.17 8.03 -25.78
C2 GLA C . -9.34 8.37 -24.32
C3 GLA C . -9.87 7.17 -23.58
C4 GLA C . -11.09 6.57 -24.28
C5 GLA C . -10.79 6.37 -25.75
C6 GLA C . -12.03 5.83 -26.46
O2 GLA C . -8.10 8.75 -23.77
O3 GLA C . -10.21 7.56 -22.26
O4 GLA C . -12.20 7.46 -24.14
O5 GLA C . -10.40 7.62 -26.32
O6 GLA C . -11.72 5.63 -27.84
C1 GLA D . -18.43 20.85 -8.45
C2 GLA D . -17.44 20.02 -9.24
C3 GLA D . -17.87 19.93 -10.67
C4 GLA D . -19.33 19.47 -10.78
C5 GLA D . -20.19 20.35 -9.90
C6 GLA D . -21.64 19.87 -9.97
O1 GLA D . -18.44 22.17 -8.93
O2 GLA D . -16.17 20.64 -9.17
O3 GLA D . -17.03 19.02 -11.36
O4 GLA D . -19.44 18.12 -10.36
O5 GLA D . -19.72 20.28 -8.55
O6 GLA D . -22.29 20.15 -8.72
C1 FUC D . -15.23 20.17 -8.31
C2 FUC D . -13.85 20.68 -8.72
C3 FUC D . -13.76 22.19 -8.54
C4 FUC D . -14.24 22.62 -7.15
C5 FUC D . -15.59 21.98 -6.84
C6 FUC D . -16.04 22.33 -5.42
O2 FUC D . -13.61 20.35 -10.09
O3 FUC D . -12.40 22.61 -8.71
O4 FUC D . -13.28 22.21 -6.17
O5 FUC D . -15.50 20.57 -6.96
C1 GLA D . -16.95 18.97 -12.81
C2 GLA D . -16.02 17.80 -13.09
C3 GLA D . -14.64 18.12 -12.57
C4 GLA D . -14.15 19.49 -13.05
C5 GLA D . -15.22 20.52 -12.77
C6 GLA D . -14.78 21.88 -13.30
O2 GLA D . -16.51 16.64 -12.45
O3 GLA D . -13.73 17.12 -13.00
O4 GLA D . -13.89 19.45 -14.44
O5 GLA D . -16.43 20.13 -13.42
O6 GLA D . -15.76 22.87 -12.97
C1 EDO E . -6.75 -13.74 4.69
O1 EDO E . -6.80 -12.98 3.48
C2 EDO E . -5.29 -13.94 5.06
O2 EDO E . -4.51 -13.74 3.88
C1 EDO F . 6.14 10.23 13.57
O1 EDO F . 6.43 9.59 12.31
C2 EDO F . 6.84 9.50 14.71
O2 EDO F . 6.20 8.26 15.07
C1 EDO G . 2.58 -2.67 2.49
O1 EDO G . 3.65 -1.74 2.48
C2 EDO G . 1.60 -2.13 3.53
O2 EDO G . 0.52 -3.05 3.66
C1 EDO H . -1.93 16.44 26.74
O1 EDO H . -0.55 16.16 26.99
C2 EDO H . -2.16 17.94 26.76
O2 EDO H . -1.60 18.51 27.95
C1 EDO I . -10.95 -11.20 8.43
O1 EDO I . -9.91 -11.83 7.67
C2 EDO I . -11.92 -12.30 8.84
O2 EDO I . -12.99 -11.79 9.64
C1 EDO J . -16.78 10.70 -13.30
O1 EDO J . -16.69 11.89 -12.49
C2 EDO J . -16.94 9.48 -12.40
O2 EDO J . -17.96 9.72 -11.42
C1 EDO K . -7.28 -4.83 -14.74
C1 EDO K . -6.83 -4.31 -14.17
O1 EDO K . -6.71 -3.52 -14.91
O1 EDO K . -7.16 -3.37 -15.20
C2 EDO K . -6.20 -5.88 -14.87
C2 EDO K . -6.56 -5.67 -14.80
O2 EDO K . -4.98 -5.43 -14.25
O2 EDO K . -7.58 -5.96 -15.75
C1 EDO L . 17.01 4.68 0.65
O1 EDO L . 16.18 5.01 1.76
C2 EDO L . 18.32 5.41 0.86
O2 EDO L . 19.22 5.16 -0.22
C1 EDO M . 33.77 -24.60 -2.88
O1 EDO M . 32.62 -24.95 -3.67
C2 EDO M . 33.75 -23.10 -2.62
O2 EDO M . 32.69 -22.78 -1.71
C1 EDO N . 13.60 -10.68 -17.02
O1 EDO N . 13.87 -12.05 -17.28
C2 EDO N . 12.47 -10.57 -16.01
O2 EDO N . 12.14 -9.20 -15.87
C1 EDO O . -4.02 12.63 -19.29
O1 EDO O . -2.93 11.78 -19.70
C2 EDO O . -5.34 11.85 -19.32
O2 EDO O . -5.67 11.51 -20.67
C1 EDO P . 14.06 21.51 -18.18
O1 EDO P . 13.54 22.02 -19.41
C2 EDO P . 13.31 20.24 -17.80
O2 EDO P . 11.96 20.56 -17.46
CAC FLC Q . 9.69 19.56 -24.89
CA FLC Q . 10.28 18.18 -24.69
CB FLC Q . 9.42 17.14 -25.38
CBC FLC Q . 9.46 17.38 -26.88
CG FLC Q . 9.92 15.72 -25.17
CGC FLC Q . 10.05 15.35 -23.70
OA1 FLC Q . 9.23 20.19 -23.91
OA2 FLC Q . 9.66 20.09 -26.03
OB1 FLC Q . 8.39 17.56 -27.51
OB2 FLC Q . 10.56 17.41 -27.49
OG1 FLC Q . 11.05 14.67 -23.38
OG2 FLC Q . 9.19 15.70 -22.85
OHB FLC Q . 8.11 17.25 -24.90
#